data_5ZQ4
#
_entry.id   5ZQ4
#
_cell.length_a   95.417
_cell.length_b   55.384
_cell.length_c   98.435
_cell.angle_alpha   90.00
_cell.angle_beta   110.22
_cell.angle_gamma   90.00
#
_symmetry.space_group_name_H-M   'P 1 21 1'
#
loop_
_entity.id
_entity.type
_entity.pdbx_description
1 polymer SidE
2 polymer ubiquitin
3 non-polymer 'ADENOSINE MONOPHOSPHATE'
4 water water
#
loop_
_entity_poly.entity_id
_entity_poly.type
_entity_poly.pdbx_seq_one_letter_code
_entity_poly.pdbx_strand_id
1 'polypeptide(L)'
;MSVPTWNGFSLYTDETVRNAARYAYDNYLGKPYTGTVEATPVNFGGQMVYRQHHGLAHTLRTMAYAEIIVEEARKAKLRG
ESLKTFADGRTLADVTPEELRKIMIAQAFFVTGRDDEESSKNYEKYHEQSRDAFLKYVEENKSTLIPDVFKDEKDVKFYA
DVIEDKDHKWADSPAHVLVNQGHMVDLVRVKQPPESYLEYYFSQLQPWIGSTATEAVFATQRQFFHATYEAVAGFDSENK
EPHLVVDGLGRYVIGQDGNPIREESDDEDEEESGELKFFSQKKKLEENQRYMRVDEYLKLDEVQKRFPGAGKKLDGGLPG
LKEYQYLQRLNSINRARCENDVDFCLGQLQTAHHQTKITPIKRAFQSSSLEHHHHHH
;
B,A
2 'polypeptide(L)' GSMQIFVKTLTGKTITLEVEPSDTIENVKAKIQDKEGIPPDQQRLIFAGKQLEDGRTLSDYNIQKESTLHLVLRLRGG C,D
#
# COMPACT_ATOMS: atom_id res chain seq x y z
N SER A 2 -19.58 5.17 -29.24
CA SER A 2 -18.64 4.26 -29.90
C SER A 2 -17.58 3.75 -28.93
N VAL A 3 -17.89 3.77 -27.64
CA VAL A 3 -17.00 3.24 -26.61
C VAL A 3 -16.98 1.72 -26.69
N PRO A 4 -15.78 1.12 -26.84
CA PRO A 4 -15.64 -0.34 -26.90
C PRO A 4 -15.86 -1.01 -25.56
N THR A 5 -16.33 -2.26 -25.60
CA THR A 5 -16.49 -3.06 -24.41
C THR A 5 -15.13 -3.45 -23.87
N TRP A 6 -15.01 -3.53 -22.55
CA TRP A 6 -13.75 -3.93 -21.94
C TRP A 6 -13.81 -5.44 -21.76
N ASN A 7 -12.66 -6.09 -21.68
CA ASN A 7 -12.64 -7.55 -21.57
C ASN A 7 -11.86 -7.99 -20.32
N GLY A 8 -11.95 -7.18 -19.27
CA GLY A 8 -11.18 -7.43 -18.07
C GLY A 8 -9.71 -7.09 -18.16
N PHE A 9 -9.28 -6.44 -19.25
CA PHE A 9 -7.86 -6.09 -19.38
C PHE A 9 -7.42 -5.18 -18.23
N SER A 10 -6.24 -5.48 -17.68
CA SER A 10 -5.70 -4.69 -16.59
C SER A 10 -4.18 -4.77 -16.56
N LEU A 11 -3.53 -3.63 -16.33
CA LEU A 11 -2.07 -3.58 -16.14
C LEU A 11 -1.61 -4.60 -15.10
N TYR A 12 -2.43 -4.80 -14.08
CA TYR A 12 -2.03 -5.60 -12.93
C TYR A 12 -2.32 -7.09 -13.08
N THR A 13 -3.00 -7.49 -14.15
CA THR A 13 -3.18 -8.92 -14.40
C THR A 13 -2.70 -9.38 -15.78
N ASP A 14 -2.62 -8.47 -16.75
CA ASP A 14 -2.20 -8.88 -18.09
C ASP A 14 -0.72 -9.23 -18.08
N GLU A 15 -0.41 -10.45 -18.50
CA GLU A 15 0.96 -10.95 -18.42
C GLU A 15 1.87 -10.50 -19.54
N THR A 16 1.30 -10.14 -20.70
CA THR A 16 2.12 -9.64 -21.81
C THR A 16 2.79 -8.34 -21.40
N VAL A 17 1.99 -7.43 -20.87
CA VAL A 17 2.45 -6.14 -20.43
C VAL A 17 3.49 -6.30 -19.30
N ARG A 18 3.23 -7.22 -18.38
CA ARG A 18 4.16 -7.49 -17.27
C ARG A 18 5.48 -8.01 -17.83
N ASN A 19 5.41 -8.91 -18.81
CA ASN A 19 6.63 -9.47 -19.35
C ASN A 19 7.47 -8.45 -20.13
N ALA A 20 6.82 -7.50 -20.78
CA ALA A 20 7.54 -6.40 -21.42
C ALA A 20 8.34 -5.60 -20.38
N ALA A 21 7.72 -5.33 -19.23
CA ALA A 21 8.39 -4.54 -18.19
C ALA A 21 9.58 -5.30 -17.62
N ARG A 22 9.42 -6.60 -17.39
CA ARG A 22 10.52 -7.44 -16.90
C ARG A 22 11.71 -7.39 -17.84
N TYR A 23 11.42 -7.53 -19.14
CA TYR A 23 12.44 -7.54 -20.17
C TYR A 23 13.17 -6.20 -20.16
N ALA A 24 12.40 -5.12 -20.08
CA ALA A 24 12.97 -3.79 -20.07
C ALA A 24 13.87 -3.60 -18.85
N TYR A 25 13.39 -4.02 -17.68
CA TYR A 25 14.21 -3.93 -16.47
C TYR A 25 15.47 -4.80 -16.60
N ASP A 26 15.29 -6.07 -16.99
CA ASP A 26 16.40 -7.03 -17.05
C ASP A 26 17.52 -6.61 -17.98
N ASN A 27 17.16 -5.97 -19.08
CA ASN A 27 18.15 -5.70 -20.10
C ASN A 27 18.56 -4.22 -20.13
N TYR A 28 17.79 -3.36 -19.49
CA TYR A 28 18.08 -1.93 -19.60
C TYR A 28 17.90 -1.13 -18.31
N LEU A 29 16.72 -1.25 -17.69
CA LEU A 29 16.39 -0.34 -16.60
C LEU A 29 17.17 -0.65 -15.32
N GLY A 30 17.56 -1.92 -15.15
CA GLY A 30 18.30 -2.32 -13.96
C GLY A 30 19.82 -2.33 -14.15
N LYS A 31 20.27 -1.90 -15.31
CA LYS A 31 21.71 -1.83 -15.61
C LYS A 31 22.25 -0.44 -15.30
N PRO A 32 23.52 -0.37 -14.89
CA PRO A 32 24.16 0.92 -14.63
C PRO A 32 24.12 1.87 -15.84
N TYR A 33 23.88 3.15 -15.59
CA TYR A 33 24.10 4.17 -16.60
C TYR A 33 25.54 4.16 -17.11
N THR A 34 25.72 4.34 -18.41
CA THR A 34 27.06 4.38 -19.01
C THR A 34 27.54 5.82 -19.23
N GLY A 35 26.61 6.76 -19.26
CA GLY A 35 26.93 8.16 -19.41
C GLY A 35 27.55 8.77 -18.16
N THR A 36 27.56 10.10 -18.08
CA THR A 36 28.25 10.81 -17.01
C THR A 36 27.30 11.61 -16.13
N VAL A 37 26.17 12.00 -16.70
CA VAL A 37 25.23 12.87 -15.99
C VAL A 37 24.38 12.07 -15.00
N GLU A 38 24.71 12.21 -13.72
CA GLU A 38 24.05 11.52 -12.62
C GLU A 38 23.97 10.03 -12.86
N ALA A 39 25.08 9.47 -13.34
CA ALA A 39 25.15 8.07 -13.70
C ALA A 39 25.44 7.19 -12.50
N THR A 40 25.99 7.79 -11.45
CA THR A 40 26.38 7.04 -10.27
C THR A 40 25.16 6.59 -9.47
N PRO A 41 25.09 5.29 -9.17
CA PRO A 41 23.92 4.69 -8.50
C PRO A 41 23.82 5.06 -7.03
N VAL A 42 22.70 4.69 -6.42
CA VAL A 42 22.47 4.98 -5.00
C VAL A 42 22.11 3.72 -4.23
N ASN A 43 22.56 3.64 -2.97
CA ASN A 43 22.18 2.56 -2.08
C ASN A 43 20.97 2.91 -1.20
N PHE A 44 19.84 2.22 -1.43
CA PHE A 44 18.67 2.35 -0.54
C PHE A 44 18.53 1.15 0.38
N GLY A 45 18.83 1.35 1.67
CA GLY A 45 18.63 0.32 2.67
C GLY A 45 19.24 -1.02 2.32
N GLY A 46 20.36 -1.00 1.61
CA GLY A 46 21.08 -2.22 1.27
C GLY A 46 21.09 -2.59 -0.20
N GLN A 47 20.13 -2.07 -0.97
CA GLN A 47 20.06 -2.39 -2.39
C GLN A 47 20.46 -1.23 -3.29
N MET A 48 21.16 -1.55 -4.38
CA MET A 48 21.53 -0.53 -5.37
C MET A 48 20.37 -0.18 -6.28
N VAL A 49 20.22 1.11 -6.56
CA VAL A 49 19.28 1.57 -7.56
C VAL A 49 20.04 2.40 -8.57
N TYR A 50 20.09 1.92 -9.82
CA TYR A 50 20.94 2.53 -10.83
C TYR A 50 20.29 3.73 -11.51
N ARG A 51 18.97 3.69 -11.67
CA ARG A 51 18.26 4.74 -12.37
C ARG A 51 17.06 5.20 -11.55
N GLN A 52 17.28 6.13 -10.62
CA GLN A 52 16.21 6.50 -9.70
C GLN A 52 15.17 7.44 -10.33
N HIS A 53 15.57 8.20 -11.35
CA HIS A 53 14.67 9.16 -11.97
C HIS A 53 13.88 8.55 -13.14
N HIS A 54 14.53 7.71 -13.93
CA HIS A 54 13.87 7.10 -15.07
C HIS A 54 14.13 5.60 -15.06
N GLY A 55 13.66 4.95 -14.01
CA GLY A 55 13.88 3.53 -13.85
C GLY A 55 12.61 2.71 -13.96
N LEU A 56 12.59 1.58 -13.27
CA LEU A 56 11.46 0.68 -13.28
C LEU A 56 10.20 1.35 -12.74
N ALA A 57 10.30 1.97 -11.56
CA ALA A 57 9.12 2.54 -10.89
C ALA A 57 8.50 3.68 -11.70
N HIS A 58 9.36 4.55 -12.22
CA HIS A 58 8.91 5.57 -13.15
C HIS A 58 8.17 4.95 -14.35
N THR A 59 8.77 3.94 -14.97
CA THR A 59 8.20 3.33 -16.15
C THR A 59 6.85 2.65 -15.84
N LEU A 60 6.78 1.89 -14.75
CA LEU A 60 5.51 1.26 -14.34
C LEU A 60 4.46 2.31 -14.00
N ARG A 61 4.84 3.41 -13.37
CA ARG A 61 3.86 4.46 -13.08
C ARG A 61 3.30 5.08 -14.39
N THR A 62 4.12 5.30 -15.41
CA THR A 62 3.61 5.87 -16.66
C THR A 62 2.55 4.93 -17.28
N MET A 63 2.80 3.63 -17.19
CA MET A 63 1.83 2.66 -17.71
C MET A 63 0.56 2.72 -16.89
N ALA A 64 0.73 2.85 -15.57
CA ALA A 64 -0.40 2.99 -14.67
C ALA A 64 -1.21 4.24 -14.99
N TYR A 65 -0.54 5.32 -15.42
CA TYR A 65 -1.25 6.55 -15.76
C TYR A 65 -2.07 6.36 -17.04
N ALA A 66 -1.48 5.71 -18.03
CA ALA A 66 -2.17 5.48 -19.31
C ALA A 66 -3.48 4.75 -19.05
N GLU A 67 -3.43 3.78 -18.16
CA GLU A 67 -4.63 3.01 -17.80
C GLU A 67 -5.70 3.87 -17.14
N ILE A 68 -5.34 4.74 -16.17
CA ILE A 68 -6.41 5.44 -15.47
C ILE A 68 -6.93 6.57 -16.34
N ILE A 69 -6.06 7.10 -17.18
CA ILE A 69 -6.46 8.14 -18.12
C ILE A 69 -7.51 7.57 -19.09
N VAL A 70 -7.26 6.37 -19.62
CA VAL A 70 -8.25 5.76 -20.53
C VAL A 70 -9.54 5.43 -19.77
N GLU A 71 -9.41 4.83 -18.58
CA GLU A 71 -10.55 4.54 -17.72
C GLU A 71 -11.38 5.79 -17.49
N GLU A 72 -10.73 6.88 -17.05
CA GLU A 72 -11.46 8.09 -16.72
C GLU A 72 -12.06 8.71 -17.98
N ALA A 73 -11.35 8.61 -19.11
CA ALA A 73 -11.90 9.08 -20.39
C ALA A 73 -13.16 8.32 -20.76
N ARG A 74 -13.11 6.99 -20.62
CA ARG A 74 -14.26 6.16 -20.99
C ARG A 74 -15.47 6.57 -20.16
N LYS A 75 -15.26 6.74 -18.85
CA LYS A 75 -16.36 7.15 -17.96
C LYS A 75 -16.87 8.54 -18.34
N ALA A 76 -15.96 9.45 -18.67
CA ALA A 76 -16.34 10.78 -19.13
C ALA A 76 -17.26 10.70 -20.37
N LYS A 77 -16.88 9.91 -21.36
CA LYS A 77 -17.69 9.87 -22.57
C LYS A 77 -19.04 9.17 -22.31
N LEU A 78 -19.05 8.23 -21.35
CA LEU A 78 -20.30 7.54 -21.00
C LEU A 78 -21.24 8.47 -20.25
N ARG A 79 -20.67 9.45 -19.55
CA ARG A 79 -21.43 10.50 -18.89
C ARG A 79 -22.02 11.49 -19.90
N GLY A 80 -21.57 11.41 -21.15
CA GLY A 80 -22.07 12.29 -22.19
C GLY A 80 -21.19 13.50 -22.45
N GLU A 81 -19.97 13.49 -21.93
CA GLU A 81 -19.05 14.64 -22.10
C GLU A 81 -18.42 14.63 -23.50
N SER A 82 -18.08 15.82 -24.01
CA SER A 82 -17.43 15.94 -25.31
C SER A 82 -15.94 16.01 -25.12
N LEU A 83 -15.20 15.12 -25.75
CA LEU A 83 -13.76 15.07 -25.56
C LEU A 83 -13.06 15.56 -26.80
N LYS A 84 -11.81 15.99 -26.66
CA LYS A 84 -11.07 16.47 -27.82
C LYS A 84 -10.83 15.32 -28.80
N THR A 85 -10.90 15.64 -30.09
CA THR A 85 -10.73 14.62 -31.11
C THR A 85 -9.40 14.74 -31.84
N PHE A 86 -8.95 13.59 -32.34
CA PHE A 86 -7.83 13.51 -33.26
C PHE A 86 -8.30 13.69 -34.69
N ALA A 87 -7.35 13.69 -35.63
CA ALA A 87 -7.65 13.98 -37.03
C ALA A 87 -8.58 12.96 -37.69
N ASP A 88 -8.77 11.80 -37.05
CA ASP A 88 -9.65 10.76 -37.62
C ASP A 88 -10.99 10.69 -36.89
N GLY A 89 -11.15 11.51 -35.85
CA GLY A 89 -12.42 11.65 -35.17
C GLY A 89 -12.50 10.86 -33.87
N ARG A 90 -11.48 10.08 -33.60
CA ARG A 90 -11.41 9.33 -32.36
C ARG A 90 -11.08 10.21 -31.15
N THR A 91 -11.38 9.71 -29.96
CA THR A 91 -10.96 10.32 -28.72
C THR A 91 -10.26 9.26 -27.90
N LEU A 92 -9.65 9.67 -26.79
CA LEU A 92 -9.02 8.73 -25.87
C LEU A 92 -10.00 7.66 -25.40
N ALA A 93 -11.29 8.02 -25.34
CA ALA A 93 -12.32 7.08 -24.90
C ALA A 93 -12.60 5.98 -25.93
N ASP A 94 -12.03 6.11 -27.13
CA ASP A 94 -12.19 5.08 -28.16
C ASP A 94 -11.06 4.04 -28.14
N VAL A 95 -10.09 4.21 -27.25
CA VAL A 95 -8.99 3.24 -27.15
C VAL A 95 -9.50 1.84 -26.71
N THR A 96 -9.18 0.82 -27.52
CA THR A 96 -9.53 -0.57 -27.21
C THR A 96 -8.54 -1.21 -26.24
N PRO A 97 -8.95 -2.32 -25.58
CA PRO A 97 -8.04 -3.09 -24.71
C PRO A 97 -6.73 -3.48 -25.41
N GLU A 98 -6.84 -3.96 -26.64
CA GLU A 98 -5.70 -4.40 -27.44
C GLU A 98 -4.77 -3.23 -27.73
N GLU A 99 -5.34 -2.09 -28.07
CA GLU A 99 -4.58 -0.87 -28.32
C GLU A 99 -3.81 -0.44 -27.07
N LEU A 100 -4.50 -0.44 -25.94
CA LEU A 100 -3.88 -0.01 -24.68
C LEU A 100 -2.72 -0.93 -24.29
N ARG A 101 -2.90 -2.23 -24.55
CA ARG A 101 -1.82 -3.18 -24.30
C ARG A 101 -0.58 -2.83 -25.11
N LYS A 102 -0.78 -2.52 -26.39
CA LYS A 102 0.33 -2.16 -27.28
C LYS A 102 0.97 -0.85 -26.84
N ILE A 103 0.14 0.11 -26.47
CA ILE A 103 0.63 1.38 -25.90
C ILE A 103 1.53 1.17 -24.67
N MET A 104 1.07 0.33 -23.75
CA MET A 104 1.79 0.07 -22.51
C MET A 104 3.14 -0.63 -22.74
N ILE A 105 3.15 -1.58 -23.66
CA ILE A 105 4.39 -2.21 -24.11
C ILE A 105 5.39 -1.15 -24.61
N ALA A 106 4.93 -0.22 -25.44
CA ALA A 106 5.79 0.87 -25.91
C ALA A 106 6.30 1.70 -24.73
N GLN A 107 5.39 1.97 -23.81
CA GLN A 107 5.73 2.72 -22.59
C GLN A 107 6.85 2.05 -21.80
N ALA A 108 6.81 0.72 -21.73
CA ALA A 108 7.82 -0.01 -20.97
C ALA A 108 9.20 0.21 -21.54
N PHE A 109 9.29 0.60 -22.81
CA PHE A 109 10.59 0.83 -23.42
C PHE A 109 10.97 2.30 -23.57
N PHE A 110 10.06 3.20 -23.19
CA PHE A 110 10.22 4.61 -23.55
C PHE A 110 11.48 5.29 -22.99
N VAL A 111 12.06 4.79 -21.89
CA VAL A 111 13.33 5.37 -21.45
C VAL A 111 14.45 4.34 -21.31
N THR A 112 14.27 3.17 -21.92
CA THR A 112 15.31 2.12 -21.88
C THR A 112 16.57 2.58 -22.62
N GLY A 113 16.42 3.52 -23.55
CA GLY A 113 17.53 3.98 -24.36
C GLY A 113 18.46 5.01 -23.70
N ARG A 114 18.11 5.45 -22.50
CA ARG A 114 18.93 6.43 -21.79
C ARG A 114 20.26 5.87 -21.30
N ASP A 115 21.32 6.65 -21.48
CA ASP A 115 22.64 6.29 -20.97
C ASP A 115 23.00 7.10 -19.73
N ASP A 116 22.17 8.10 -19.44
CA ASP A 116 22.24 8.89 -18.21
C ASP A 116 21.08 9.86 -18.18
N GLU A 117 21.12 10.82 -17.26
CA GLU A 117 20.02 11.78 -17.12
C GLU A 117 20.28 13.04 -17.92
N GLU A 118 21.21 12.95 -18.85
CA GLU A 118 21.58 14.09 -19.60
C GLU A 118 20.34 14.51 -20.34
N SER A 119 20.15 15.81 -20.42
CA SER A 119 18.91 16.39 -20.87
C SER A 119 19.06 17.11 -22.19
N SER A 120 18.12 16.86 -23.09
CA SER A 120 18.07 17.59 -24.34
C SER A 120 19.15 17.18 -25.31
N LYS A 121 20.38 17.18 -24.84
CA LYS A 121 21.52 17.02 -25.74
C LYS A 121 21.52 15.69 -26.46
N ASN A 122 21.16 14.63 -25.76
CA ASN A 122 21.13 13.29 -26.31
C ASN A 122 19.73 12.79 -26.64
N TYR A 123 18.81 13.74 -26.84
CA TYR A 123 17.40 13.40 -27.06
C TYR A 123 17.21 12.35 -28.15
N GLU A 124 17.76 12.59 -29.34
CA GLU A 124 17.57 11.69 -30.45
C GLU A 124 18.26 10.33 -30.19
N LYS A 125 19.48 10.37 -29.70
CA LYS A 125 20.22 9.13 -29.42
C LYS A 125 19.50 8.22 -28.44
N TYR A 126 18.96 8.77 -27.36
CA TYR A 126 18.30 7.96 -26.34
C TYR A 126 16.96 7.44 -26.86
N HIS A 127 16.26 8.26 -27.64
CA HIS A 127 14.98 7.86 -28.21
C HIS A 127 15.13 6.78 -29.27
N GLU A 128 16.15 6.91 -30.12
CA GLU A 128 16.49 5.89 -31.09
C GLU A 128 16.92 4.60 -30.39
N GLN A 129 17.70 4.73 -29.33
CA GLN A 129 18.13 3.56 -28.58
C GLN A 129 16.96 2.88 -27.89
N SER A 130 15.98 3.68 -27.44
CA SER A 130 14.74 3.12 -26.89
C SER A 130 13.95 2.37 -27.96
N ARG A 131 13.83 2.98 -29.14
CA ARG A 131 13.16 2.31 -30.25
C ARG A 131 13.85 0.96 -30.55
N ASP A 132 15.18 0.99 -30.68
CA ASP A 132 15.94 -0.23 -30.93
C ASP A 132 15.68 -1.32 -29.86
N ALA A 133 15.65 -0.93 -28.59
CA ALA A 133 15.35 -1.87 -27.51
C ALA A 133 13.99 -2.54 -27.75
N PHE A 134 12.97 -1.73 -28.00
CA PHE A 134 11.63 -2.22 -28.27
C PHE A 134 11.61 -3.21 -29.47
N LEU A 135 12.32 -2.86 -30.54
CA LEU A 135 12.32 -3.67 -31.74
C LEU A 135 13.00 -5.02 -31.51
N LYS A 136 14.08 -5.00 -30.73
CA LYS A 136 14.78 -6.22 -30.36
C LYS A 136 13.85 -7.12 -29.53
N TYR A 137 13.08 -6.50 -28.64
CA TYR A 137 12.16 -7.24 -27.78
C TYR A 137 11.08 -7.95 -28.60
N VAL A 138 10.41 -7.20 -29.47
CA VAL A 138 9.40 -7.75 -30.37
C VAL A 138 9.97 -8.89 -31.22
N GLU A 139 11.11 -8.67 -31.85
CA GLU A 139 11.74 -9.72 -32.67
C GLU A 139 11.97 -11.01 -31.88
N GLU A 140 12.48 -10.89 -30.67
CA GLU A 140 12.82 -12.07 -29.88
C GLU A 140 11.57 -12.79 -29.38
N ASN A 141 10.44 -12.09 -29.43
CA ASN A 141 9.18 -12.62 -28.95
C ASN A 141 8.07 -12.59 -30.01
N LYS A 142 8.47 -12.60 -31.27
CA LYS A 142 7.50 -12.43 -32.35
C LYS A 142 6.47 -13.57 -32.39
N SER A 143 6.92 -14.78 -32.02
CA SER A 143 6.06 -15.96 -31.97
C SER A 143 4.81 -15.78 -31.10
N THR A 144 4.91 -15.00 -30.01
CA THR A 144 3.73 -14.76 -29.19
C THR A 144 3.11 -13.38 -29.44
N LEU A 145 3.87 -12.47 -30.03
CA LEU A 145 3.40 -11.09 -30.13
C LEU A 145 2.66 -10.85 -31.44
N ILE A 146 3.06 -11.57 -32.48
CA ILE A 146 2.52 -11.39 -33.81
C ILE A 146 1.86 -12.68 -34.28
N PRO A 147 0.58 -12.61 -34.68
CA PRO A 147 -0.20 -11.38 -34.85
C PRO A 147 -1.17 -11.05 -33.73
N ASP A 148 -1.10 -11.76 -32.60
CA ASP A 148 -2.06 -11.62 -31.52
C ASP A 148 -1.99 -10.29 -30.78
N VAL A 149 -0.80 -9.72 -30.65
CA VAL A 149 -0.68 -8.46 -29.93
C VAL A 149 -0.45 -7.35 -30.94
N PHE A 150 0.62 -7.46 -31.71
CA PHE A 150 0.82 -6.55 -32.84
C PHE A 150 0.38 -7.27 -34.12
N LYS A 151 -0.59 -6.68 -34.83
CA LYS A 151 -1.20 -7.32 -35.98
C LYS A 151 -0.16 -7.77 -37.00
N ASP A 152 0.73 -6.86 -37.38
CA ASP A 152 1.81 -7.17 -38.31
C ASP A 152 3.04 -6.27 -38.07
N GLU A 153 4.00 -6.32 -38.98
CA GLU A 153 5.20 -5.52 -38.84
C GLU A 153 4.84 -4.02 -38.97
N LYS A 154 3.75 -3.71 -39.70
CA LYS A 154 3.30 -2.32 -39.84
C LYS A 154 2.85 -1.76 -38.49
N ASP A 155 2.12 -2.56 -37.70
CA ASP A 155 1.62 -2.15 -36.38
C ASP A 155 2.82 -1.87 -35.47
N VAL A 156 3.83 -2.73 -35.57
CA VAL A 156 5.03 -2.62 -34.76
C VAL A 156 5.71 -1.27 -35.01
N LYS A 157 5.97 -0.96 -36.27
CA LYS A 157 6.64 0.29 -36.64
C LYS A 157 5.93 1.53 -36.09
N PHE A 158 4.61 1.50 -36.04
CA PHE A 158 3.84 2.61 -35.55
C PHE A 158 4.24 2.91 -34.09
N TYR A 159 4.27 1.86 -33.28
CA TYR A 159 4.63 2.05 -31.88
C TYR A 159 6.13 2.35 -31.77
N ALA A 160 6.94 1.78 -32.66
CA ALA A 160 8.36 2.11 -32.73
C ALA A 160 8.54 3.59 -32.99
N ASP A 161 7.77 4.12 -33.94
CA ASP A 161 7.82 5.53 -34.27
C ASP A 161 7.39 6.42 -33.09
N VAL A 162 6.37 5.99 -32.36
CA VAL A 162 5.96 6.78 -31.20
C VAL A 162 7.14 6.91 -30.24
N ILE A 163 7.78 5.80 -29.93
CA ILE A 163 8.93 5.78 -29.04
C ILE A 163 10.04 6.72 -29.54
N GLU A 164 10.43 6.56 -30.80
CA GLU A 164 11.49 7.39 -31.36
C GLU A 164 11.15 8.88 -31.31
N ASP A 165 9.87 9.20 -31.51
CA ASP A 165 9.40 10.59 -31.52
C ASP A 165 10.22 11.52 -32.42
N LYS A 166 10.30 11.22 -33.71
CA LYS A 166 11.15 12.01 -34.60
C LYS A 166 10.70 13.48 -34.71
N ASP A 167 9.41 13.70 -34.96
CA ASP A 167 8.94 15.07 -35.17
C ASP A 167 8.11 15.62 -34.00
N HIS A 168 8.24 14.99 -32.84
CA HIS A 168 7.64 15.50 -31.60
C HIS A 168 6.15 15.78 -31.70
N LYS A 169 5.44 14.97 -32.47
CA LYS A 169 3.99 15.13 -32.61
C LYS A 169 3.30 14.49 -31.41
N TRP A 170 3.38 15.16 -30.26
CA TRP A 170 2.93 14.55 -29.01
C TRP A 170 1.41 14.37 -28.91
N ALA A 171 0.68 15.01 -29.82
CA ALA A 171 -0.78 14.95 -29.83
C ALA A 171 -1.36 14.23 -31.08
N ASP A 172 -0.53 13.51 -31.82
CA ASP A 172 -0.93 12.98 -33.12
C ASP A 172 -1.96 11.83 -33.09
N SER A 173 -1.99 11.08 -32.00
CA SER A 173 -2.85 9.92 -31.90
C SER A 173 -3.01 9.59 -30.42
N PRO A 174 -3.94 8.70 -30.08
CA PRO A 174 -4.11 8.30 -28.68
C PRO A 174 -2.81 7.74 -28.08
N ALA A 175 -2.08 6.93 -28.84
CA ALA A 175 -0.78 6.43 -28.40
C ALA A 175 0.23 7.56 -28.10
N HIS A 176 0.25 8.59 -28.94
CA HIS A 176 1.18 9.71 -28.75
C HIS A 176 0.87 10.47 -27.46
N VAL A 177 -0.40 10.73 -27.22
CA VAL A 177 -0.80 11.43 -26.01
C VAL A 177 -0.50 10.64 -24.76
N LEU A 178 -0.89 9.37 -24.76
CA LEU A 178 -0.71 8.55 -23.55
C LEU A 178 0.76 8.38 -23.18
N VAL A 179 1.59 8.00 -24.15
CA VAL A 179 3.02 7.83 -23.90
C VAL A 179 3.69 9.13 -23.43
N ASN A 180 3.48 10.22 -24.15
CA ASN A 180 4.18 11.47 -23.85
C ASN A 180 3.67 12.17 -22.58
N GLN A 181 2.36 12.22 -22.42
CA GLN A 181 1.79 12.84 -21.22
C GLN A 181 1.95 11.92 -20.00
N GLY A 182 1.87 10.61 -20.20
CA GLY A 182 2.18 9.68 -19.11
C GLY A 182 3.59 9.90 -18.57
N HIS A 183 4.54 10.02 -19.50
CA HIS A 183 5.94 10.29 -19.16
C HIS A 183 6.09 11.63 -18.44
N MET A 184 5.37 12.62 -18.94
CA MET A 184 5.45 14.00 -18.46
C MET A 184 4.94 14.16 -17.03
N VAL A 185 3.75 13.65 -16.75
CA VAL A 185 3.14 13.93 -15.47
C VAL A 185 3.86 13.27 -14.30
N ASP A 186 4.76 12.32 -14.57
CA ASP A 186 5.50 11.71 -13.46
C ASP A 186 6.39 12.75 -12.79
N LEU A 187 6.57 13.88 -13.45
CA LEU A 187 7.46 14.91 -12.91
C LEU A 187 6.81 15.65 -11.73
N VAL A 188 5.53 15.37 -11.47
CA VAL A 188 4.85 15.95 -10.32
C VAL A 188 5.56 15.54 -9.01
N ARG A 189 6.37 14.49 -9.07
CA ARG A 189 7.10 14.04 -7.89
C ARG A 189 8.35 14.89 -7.57
N VAL A 190 8.73 15.82 -8.45
CA VAL A 190 9.92 16.65 -8.16
C VAL A 190 9.75 18.14 -8.47
N LYS A 191 8.78 18.50 -9.32
CA LYS A 191 8.70 19.86 -9.82
C LYS A 191 8.17 20.90 -8.81
N GLN A 192 8.94 21.97 -8.66
CA GLN A 192 8.57 23.13 -7.84
C GLN A 192 8.58 24.43 -8.66
N PRO A 193 7.63 25.33 -8.40
CA PRO A 193 6.55 25.20 -7.41
C PRO A 193 5.44 24.26 -7.89
N PRO A 194 4.91 23.43 -6.98
CA PRO A 194 4.00 22.35 -7.36
C PRO A 194 2.69 22.88 -7.93
N GLU A 195 2.27 24.07 -7.52
CA GLU A 195 1.00 24.64 -8.01
C GLU A 195 1.09 25.05 -9.47
N SER A 196 2.19 25.68 -9.85
CA SER A 196 2.40 26.09 -11.25
C SER A 196 2.47 24.86 -12.16
N TYR A 197 3.21 23.85 -11.73
CA TYR A 197 3.37 22.67 -12.53
C TYR A 197 2.07 21.89 -12.65
N LEU A 198 1.29 21.83 -11.56
CA LEU A 198 0.05 21.06 -11.59
C LEU A 198 -0.97 21.74 -12.49
N GLU A 199 -1.06 23.07 -12.38
CA GLU A 199 -1.96 23.81 -13.26
C GLU A 199 -1.55 23.63 -14.72
N TYR A 200 -0.25 23.52 -14.98
CA TYR A 200 0.20 23.38 -16.36
C TYR A 200 -0.15 22.00 -16.91
N TYR A 201 0.19 20.96 -16.15
CA TYR A 201 -0.12 19.59 -16.57
C TYR A 201 -1.62 19.36 -16.71
N PHE A 202 -2.38 19.94 -15.80
CA PHE A 202 -3.84 19.88 -15.86
C PHE A 202 -4.29 20.42 -17.20
N SER A 203 -3.73 21.56 -17.62
CA SER A 203 -4.17 22.20 -18.87
C SER A 203 -3.78 21.36 -20.09
N GLN A 204 -2.75 20.54 -19.97
CA GLN A 204 -2.35 19.69 -21.09
C GLN A 204 -3.24 18.46 -21.24
N LEU A 205 -3.72 17.90 -20.12
CA LEU A 205 -4.49 16.66 -20.13
C LEU A 205 -6.00 16.89 -20.26
N GLN A 206 -6.49 17.95 -19.61
CA GLN A 206 -7.92 18.22 -19.52
C GLN A 206 -8.72 18.20 -20.84
N PRO A 207 -8.18 18.78 -21.94
CA PRO A 207 -9.06 18.79 -23.11
C PRO A 207 -9.36 17.41 -23.68
N TRP A 208 -8.46 16.46 -23.44
CA TRP A 208 -8.62 15.11 -23.94
C TRP A 208 -9.66 14.29 -23.16
N ILE A 209 -9.75 14.51 -21.84
CA ILE A 209 -10.63 13.67 -21.04
C ILE A 209 -11.63 14.43 -20.17
N GLY A 210 -11.55 15.76 -20.17
CA GLY A 210 -12.44 16.57 -19.35
C GLY A 210 -11.94 16.77 -17.93
N SER A 211 -12.54 17.74 -17.24
CA SER A 211 -12.11 18.19 -15.92
C SER A 211 -12.26 17.14 -14.82
N THR A 212 -13.45 16.56 -14.71
CA THR A 212 -13.71 15.50 -13.73
C THR A 212 -12.71 14.34 -13.84
N ALA A 213 -12.51 13.85 -15.06
CA ALA A 213 -11.53 12.78 -15.28
C ALA A 213 -10.11 13.22 -14.93
N THR A 214 -9.79 14.47 -15.23
CA THR A 214 -8.45 14.96 -15.00
C THR A 214 -8.18 15.08 -13.49
N GLU A 215 -9.15 15.58 -12.73
CA GLU A 215 -9.02 15.61 -11.27
C GLU A 215 -8.77 14.22 -10.74
N ALA A 216 -9.53 13.27 -11.27
CA ALA A 216 -9.42 11.91 -10.77
C ALA A 216 -8.04 11.35 -11.08
N VAL A 217 -7.50 11.67 -12.25
CA VAL A 217 -6.19 11.16 -12.62
C VAL A 217 -5.12 11.65 -11.64
N PHE A 218 -5.13 12.95 -11.35
CA PHE A 218 -4.10 13.50 -10.44
C PHE A 218 -4.31 13.11 -8.96
N ALA A 219 -5.56 12.86 -8.58
CA ALA A 219 -5.84 12.36 -7.24
C ALA A 219 -5.28 10.94 -7.11
N THR A 220 -5.50 10.12 -8.12
CA THR A 220 -4.98 8.75 -8.11
C THR A 220 -3.46 8.73 -8.17
N GLN A 221 -2.89 9.59 -9.00
CA GLN A 221 -1.43 9.73 -9.02
C GLN A 221 -0.83 9.90 -7.60
N ARG A 222 -1.48 10.70 -6.76
CA ARG A 222 -0.96 10.90 -5.40
C ARG A 222 -0.86 9.56 -4.68
N GLN A 223 -1.85 8.69 -4.91
CA GLN A 223 -1.85 7.35 -4.32
C GLN A 223 -0.77 6.49 -4.91
N PHE A 224 -0.56 6.63 -6.21
CA PHE A 224 0.49 5.89 -6.91
C PHE A 224 1.86 6.26 -6.38
N PHE A 225 2.08 7.54 -6.07
CA PHE A 225 3.36 8.00 -5.47
C PHE A 225 3.53 7.44 -4.07
N HIS A 226 2.51 7.60 -3.23
CA HIS A 226 2.56 7.08 -1.87
C HIS A 226 2.90 5.60 -1.92
N ALA A 227 2.23 4.87 -2.82
CA ALA A 227 2.36 3.41 -2.86
C ALA A 227 3.73 2.94 -3.32
N THR A 228 4.42 3.78 -4.08
CA THR A 228 5.74 3.41 -4.58
C THR A 228 6.84 4.21 -3.89
N TYR A 229 6.55 4.66 -2.65
CA TYR A 229 7.54 5.27 -1.78
C TYR A 229 8.22 6.46 -2.46
N GLU A 230 7.41 7.22 -3.18
CA GLU A 230 7.90 8.35 -3.95
C GLU A 230 7.21 9.59 -3.39
N ALA A 231 7.82 10.76 -3.58
CA ALA A 231 7.34 11.99 -2.94
C ALA A 231 5.95 12.43 -3.37
N VAL A 232 5.13 12.78 -2.39
CA VAL A 232 3.81 13.36 -2.67
C VAL A 232 3.87 14.87 -2.43
N ALA A 233 3.65 15.65 -3.48
CA ALA A 233 3.75 17.10 -3.40
C ALA A 233 2.64 17.73 -2.59
N GLY A 234 2.91 18.91 -2.07
CA GLY A 234 1.86 19.69 -1.45
C GLY A 234 1.21 20.53 -2.52
N PHE A 235 0.03 21.08 -2.23
CA PHE A 235 -0.58 22.09 -3.06
C PHE A 235 -1.12 23.17 -2.14
N ASP A 236 -0.59 24.39 -2.27
CA ASP A 236 -1.02 25.50 -1.42
C ASP A 236 -1.46 26.70 -2.25
N SER A 237 -2.76 26.95 -2.34
CA SER A 237 -3.28 28.04 -3.15
C SER A 237 -2.81 29.41 -2.68
N GLU A 238 -2.29 29.48 -1.45
CA GLU A 238 -1.76 30.73 -0.91
C GLU A 238 -0.24 30.79 -0.93
N ASN A 239 0.38 29.91 -1.72
CA ASN A 239 1.81 29.97 -1.95
C ASN A 239 2.22 31.36 -2.47
N LYS A 240 3.08 32.05 -1.73
CA LYS A 240 3.47 33.43 -2.08
C LYS A 240 4.69 33.52 -2.98
N GLU A 241 5.34 32.40 -3.26
CA GLU A 241 6.53 32.45 -4.11
C GLU A 241 6.15 32.82 -5.54
N PRO A 242 7.14 33.28 -6.35
CA PRO A 242 6.84 33.66 -7.73
C PRO A 242 6.27 32.52 -8.58
N HIS A 243 5.25 32.81 -9.38
CA HIS A 243 4.67 31.80 -10.29
C HIS A 243 5.69 31.49 -11.38
N LEU A 244 5.77 30.22 -11.77
CA LEU A 244 6.63 29.83 -12.87
C LEU A 244 5.80 29.49 -14.10
N VAL A 245 5.99 30.24 -15.18
CA VAL A 245 5.37 29.91 -16.45
C VAL A 245 6.12 28.71 -17.02
N VAL A 246 5.53 27.52 -16.90
CA VAL A 246 6.20 26.26 -17.27
C VAL A 246 6.65 26.21 -18.72
N ASP A 247 5.78 26.64 -19.63
CA ASP A 247 6.15 26.68 -21.03
C ASP A 247 7.14 27.83 -21.26
N GLY A 248 8.43 27.52 -21.26
CA GLY A 248 9.46 28.54 -21.41
C GLY A 248 10.20 28.90 -20.14
N LEU A 249 9.73 28.37 -19.01
CA LEU A 249 10.30 28.65 -17.69
C LEU A 249 10.43 30.14 -17.43
N GLY A 250 9.30 30.83 -17.47
CA GLY A 250 9.32 32.28 -17.34
C GLY A 250 8.50 32.80 -16.18
N ARG A 251 8.10 34.06 -16.29
CA ARG A 251 7.39 34.75 -15.22
C ARG A 251 6.30 35.66 -15.80
N TYR A 252 5.34 36.02 -14.95
CA TYR A 252 4.44 37.12 -15.23
C TYR A 252 4.73 38.24 -14.25
N VAL A 253 4.39 39.47 -14.62
CA VAL A 253 4.78 40.63 -13.84
C VAL A 253 3.58 41.50 -13.46
N ILE A 254 3.50 41.87 -12.19
CA ILE A 254 2.55 42.87 -11.72
C ILE A 254 3.15 44.25 -11.95
N GLY A 255 2.40 45.15 -12.58
CA GLY A 255 2.90 46.49 -12.85
C GLY A 255 3.00 47.36 -11.61
N GLN A 256 3.43 48.61 -11.81
CA GLN A 256 3.47 49.63 -10.75
C GLN A 256 2.08 49.79 -10.16
N ASP A 257 1.10 49.94 -11.05
CA ASP A 257 -0.30 49.75 -10.71
C ASP A 257 -0.53 48.27 -10.49
N GLY A 258 -1.36 47.90 -9.53
CA GLY A 258 -1.55 46.49 -9.20
C GLY A 258 -2.18 45.66 -10.30
N ASN A 259 -1.60 45.73 -11.50
CA ASN A 259 -2.14 45.08 -12.70
C ASN A 259 -1.11 44.21 -13.42
N PRO A 260 -1.51 43.00 -13.82
CA PRO A 260 -0.63 42.18 -14.64
C PRO A 260 -0.33 42.83 -15.99
N ILE A 261 0.92 42.72 -16.44
CA ILE A 261 1.30 43.25 -17.75
C ILE A 261 0.79 42.34 -18.85
N ARG A 262 0.01 42.93 -19.75
CA ARG A 262 -0.58 42.19 -20.85
C ARG A 262 -0.16 42.79 -22.18
N GLU A 263 -0.15 41.96 -23.22
CA GLU A 263 0.10 42.46 -24.56
C GLU A 263 -1.17 43.17 -25.02
N GLU A 264 -1.05 44.02 -26.04
CA GLU A 264 -2.21 44.75 -26.54
C GLU A 264 -3.32 43.77 -26.90
N SER A 265 -4.47 44.00 -26.28
CA SER A 265 -5.60 43.07 -26.29
C SER A 265 -6.26 42.91 -27.68
N SER A 273 -9.44 41.35 -22.29
CA SER A 273 -8.07 41.57 -21.87
C SER A 273 -7.11 40.62 -22.61
N GLY A 274 -5.97 41.17 -23.03
CA GLY A 274 -5.00 40.40 -23.80
C GLY A 274 -4.27 39.34 -22.99
N GLU A 275 -3.46 38.55 -23.68
CA GLU A 275 -2.63 37.54 -23.03
C GLU A 275 -1.63 38.19 -22.07
N LEU A 276 -1.40 37.53 -20.95
CA LEU A 276 -0.34 37.92 -20.04
C LEU A 276 0.98 37.84 -20.79
N LYS A 277 1.74 38.93 -20.84
CA LYS A 277 3.01 38.90 -21.56
C LYS A 277 4.02 38.02 -20.85
N PHE A 278 4.68 37.17 -21.62
CA PHE A 278 5.73 36.30 -21.13
C PHE A 278 6.96 37.12 -20.78
N PHE A 279 7.56 36.80 -19.64
CA PHE A 279 8.74 37.50 -19.18
C PHE A 279 9.85 36.48 -18.95
N SER A 280 10.98 36.68 -19.62
CA SER A 280 12.17 35.88 -19.34
C SER A 280 12.58 36.11 -17.89
N GLN A 281 13.06 35.06 -17.25
CA GLN A 281 13.51 35.16 -15.88
C GLN A 281 14.68 36.11 -15.77
N LYS A 282 15.57 36.03 -16.74
CA LYS A 282 16.78 36.84 -16.75
C LYS A 282 16.54 38.33 -16.87
N LYS A 283 15.59 38.73 -17.70
CA LYS A 283 15.40 40.14 -17.99
C LYS A 283 15.04 40.94 -16.76
N LYS A 284 15.61 42.12 -16.63
CA LYS A 284 15.39 43.01 -15.49
C LYS A 284 14.10 43.78 -15.61
N LEU A 285 13.59 44.22 -14.47
CA LEU A 285 12.31 44.92 -14.41
C LEU A 285 12.42 46.38 -14.00
N GLU A 286 11.61 47.21 -14.63
CA GLU A 286 11.59 48.59 -14.29
C GLU A 286 11.16 48.61 -12.85
N GLU A 287 11.63 49.59 -12.12
CA GLU A 287 11.43 49.62 -10.70
C GLU A 287 9.94 49.70 -10.49
N ASN A 288 9.48 49.11 -9.40
CA ASN A 288 8.08 49.12 -8.98
C ASN A 288 7.23 48.02 -9.60
N GLN A 289 7.87 47.13 -10.35
CA GLN A 289 7.23 45.93 -10.86
C GLN A 289 7.55 44.82 -9.87
N ARG A 290 6.94 43.65 -10.02
CA ARG A 290 7.39 42.47 -9.27
C ARG A 290 6.81 41.28 -9.98
N TYR A 291 7.42 40.12 -9.80
CA TYR A 291 6.89 38.91 -10.42
C TYR A 291 5.51 38.62 -9.86
N MET A 292 4.70 37.94 -10.66
CA MET A 292 3.41 37.46 -10.20
C MET A 292 3.60 36.28 -9.25
N ARG A 293 2.86 36.28 -8.14
CA ARG A 293 2.95 35.19 -7.17
C ARG A 293 2.01 34.05 -7.56
N VAL A 294 2.33 32.84 -7.08
CA VAL A 294 1.50 31.68 -7.33
C VAL A 294 0.05 31.94 -6.94
N ASP A 295 -0.16 32.54 -5.76
CA ASP A 295 -1.53 32.73 -5.28
C ASP A 295 -2.28 33.71 -6.17
N GLU A 296 -1.56 34.69 -6.69
CA GLU A 296 -2.16 35.67 -7.59
C GLU A 296 -2.60 35.01 -8.88
N TYR A 297 -1.74 34.17 -9.43
CA TYR A 297 -2.00 33.45 -10.68
C TYR A 297 -3.21 32.54 -10.56
N LEU A 298 -3.30 31.80 -9.46
CA LEU A 298 -4.39 30.85 -9.25
C LEU A 298 -5.75 31.52 -9.13
N LYS A 299 -5.78 32.78 -8.67
CA LYS A 299 -7.07 33.45 -8.54
C LYS A 299 -7.37 34.35 -9.73
N LEU A 300 -6.47 34.40 -10.71
CA LEU A 300 -6.84 34.93 -12.03
C LEU A 300 -8.04 34.13 -12.52
N ASP A 301 -9.10 34.78 -12.97
CA ASP A 301 -10.30 34.00 -13.23
C ASP A 301 -10.25 33.28 -14.57
N GLU A 302 -9.31 33.65 -15.44
CA GLU A 302 -9.06 32.83 -16.63
C GLU A 302 -8.45 31.49 -16.19
N VAL A 303 -7.69 31.51 -15.09
CA VAL A 303 -7.11 30.29 -14.55
C VAL A 303 -8.15 29.50 -13.78
N GLN A 304 -8.91 30.18 -12.94
CA GLN A 304 -10.01 29.57 -12.19
C GLN A 304 -11.06 28.93 -13.10
N LYS A 305 -11.23 29.52 -14.29
CA LYS A 305 -12.16 28.99 -15.28
C LYS A 305 -11.78 27.57 -15.69
N ARG A 306 -10.48 27.34 -15.88
CA ARG A 306 -10.02 26.07 -16.44
C ARG A 306 -9.44 25.15 -15.38
N PHE A 307 -9.17 25.69 -14.20
CA PHE A 307 -8.48 24.92 -13.16
C PHE A 307 -9.08 25.23 -11.78
N PRO A 308 -9.56 24.19 -11.08
CA PRO A 308 -10.17 24.35 -9.76
C PRO A 308 -9.15 24.38 -8.62
N GLY A 309 -8.08 25.15 -8.78
CA GLY A 309 -7.01 25.17 -7.80
C GLY A 309 -7.15 26.25 -6.75
N ALA A 310 -7.84 27.33 -7.08
CA ALA A 310 -8.07 28.38 -6.11
C ALA A 310 -8.82 27.83 -4.92
N GLY A 311 -8.48 28.33 -3.73
CA GLY A 311 -9.13 27.91 -2.51
C GLY A 311 -8.83 26.47 -2.12
N LYS A 312 -7.91 25.83 -2.83
CA LYS A 312 -7.60 24.44 -2.56
C LYS A 312 -6.28 24.33 -1.78
N LYS A 313 -6.28 23.51 -0.73
CA LYS A 313 -5.05 23.19 -0.03
C LYS A 313 -4.93 21.67 0.16
N LEU A 314 -3.80 21.13 -0.26
CA LEU A 314 -3.50 19.72 -0.11
C LEU A 314 -2.22 19.56 0.67
N ASP A 315 -2.21 18.64 1.61
CA ASP A 315 -1.00 18.40 2.39
C ASP A 315 -0.12 17.42 1.62
N GLY A 316 1.16 17.75 1.50
CA GLY A 316 2.13 16.87 0.89
C GLY A 316 2.75 15.94 1.91
N GLY A 317 3.75 15.18 1.49
CA GLY A 317 4.33 14.16 2.33
C GLY A 317 3.28 13.19 2.85
N LEU A 318 3.46 12.79 4.10
CA LEU A 318 2.54 11.90 4.79
C LEU A 318 2.11 12.57 6.09
N PRO A 319 0.79 12.75 6.27
CA PRO A 319 0.28 13.45 7.45
C PRO A 319 0.70 12.77 8.75
N GLY A 320 1.14 13.58 9.72
CA GLY A 320 1.59 13.04 10.98
C GLY A 320 3.08 12.79 11.01
N LEU A 321 3.70 12.77 9.84
CA LEU A 321 5.14 12.62 9.74
C LEU A 321 5.82 13.98 9.60
N LYS A 322 6.77 14.26 10.50
CA LYS A 322 7.62 15.42 10.32
C LYS A 322 8.42 15.21 9.04
N GLU A 323 8.79 16.30 8.37
CA GLU A 323 9.41 16.22 7.06
C GLU A 323 10.64 15.30 7.05
N TYR A 324 11.49 15.36 8.07
CA TYR A 324 12.68 14.52 8.07
C TYR A 324 12.32 13.04 8.16
N GLN A 325 11.21 12.72 8.82
CA GLN A 325 10.75 11.35 8.96
C GLN A 325 10.26 10.83 7.60
N TYR A 326 9.58 11.70 6.84
CA TYR A 326 9.12 11.37 5.51
C TYR A 326 10.29 11.04 4.57
N LEU A 327 11.43 11.69 4.80
CA LEU A 327 12.67 11.40 4.08
C LEU A 327 13.14 9.97 4.23
N GLN A 328 13.16 9.50 5.47
CA GLN A 328 13.53 8.12 5.77
C GLN A 328 12.63 7.11 5.03
N ARG A 329 11.36 7.44 4.85
CA ARG A 329 10.46 6.55 4.13
C ARG A 329 10.87 6.53 2.66
N LEU A 330 11.15 7.72 2.11
CA LEU A 330 11.56 7.84 0.73
C LEU A 330 12.89 7.11 0.49
N ASN A 331 13.78 7.16 1.46
CA ASN A 331 15.09 6.52 1.38
C ASN A 331 15.11 5.03 1.70
N SER A 332 13.94 4.44 1.89
CA SER A 332 13.84 3.11 2.49
C SER A 332 14.19 1.99 1.52
N ILE A 333 14.32 0.79 2.06
CA ILE A 333 14.53 -0.39 1.27
C ILE A 333 13.28 -0.65 0.39
N ASN A 334 12.10 -0.19 0.84
CA ASN A 334 10.87 -0.36 0.06
C ASN A 334 10.93 0.37 -1.29
N ARG A 335 11.53 1.56 -1.30
CA ARG A 335 11.74 2.30 -2.54
C ARG A 335 12.62 1.49 -3.49
N ALA A 336 13.67 0.89 -2.92
CA ALA A 336 14.60 0.07 -3.70
C ALA A 336 13.94 -1.15 -4.34
N ARG A 337 13.06 -1.82 -3.61
CA ARG A 337 12.32 -2.95 -4.14
C ARG A 337 11.42 -2.52 -5.31
N CYS A 338 10.82 -1.34 -5.18
CA CYS A 338 10.01 -0.79 -6.27
C CYS A 338 10.82 -0.56 -7.55
N GLU A 339 12.08 -0.14 -7.38
CA GLU A 339 12.94 0.16 -8.51
C GLU A 339 13.59 -1.08 -9.12
N ASN A 340 13.54 -2.22 -8.40
CA ASN A 340 14.27 -3.42 -8.83
C ASN A 340 13.43 -4.70 -8.94
N ASP A 341 12.14 -4.61 -8.66
CA ASP A 341 11.29 -5.80 -8.63
C ASP A 341 9.94 -5.51 -9.24
N VAL A 342 9.72 -6.03 -10.45
CA VAL A 342 8.52 -5.73 -11.24
C VAL A 342 7.25 -6.11 -10.50
N ASP A 343 7.23 -7.33 -9.96
CA ASP A 343 6.05 -7.84 -9.28
C ASP A 343 5.69 -7.02 -8.04
N PHE A 344 6.72 -6.58 -7.32
CA PHE A 344 6.46 -5.86 -6.09
C PHE A 344 5.87 -4.49 -6.42
N CYS A 345 6.50 -3.80 -7.36
CA CYS A 345 6.09 -2.45 -7.72
C CYS A 345 4.67 -2.48 -8.31
N LEU A 346 4.40 -3.45 -9.18
CA LEU A 346 3.06 -3.59 -9.75
C LEU A 346 2.05 -3.93 -8.67
N GLY A 347 2.49 -4.70 -7.67
CA GLY A 347 1.65 -5.01 -6.53
C GLY A 347 1.30 -3.76 -5.74
N GLN A 348 2.30 -2.90 -5.51
CA GLN A 348 2.07 -1.63 -4.81
C GLN A 348 1.06 -0.77 -5.58
N LEU A 349 1.23 -0.67 -6.90
CA LEU A 349 0.36 0.14 -7.76
C LEU A 349 -1.05 -0.43 -7.82
N GLN A 350 -1.16 -1.76 -7.86
CA GLN A 350 -2.48 -2.39 -7.90
C GLN A 350 -3.31 -2.07 -6.65
N THR A 351 -2.67 -2.10 -5.48
CA THR A 351 -3.35 -1.75 -4.24
C THR A 351 -3.80 -0.29 -4.25
N ALA A 352 -2.92 0.57 -4.74
CA ALA A 352 -3.21 1.99 -4.86
C ALA A 352 -4.40 2.19 -5.80
N HIS A 353 -4.42 1.45 -6.88
CA HIS A 353 -5.48 1.56 -7.86
C HIS A 353 -6.84 1.23 -7.25
N HIS A 354 -6.92 0.14 -6.52
CA HIS A 354 -8.17 -0.28 -5.92
C HIS A 354 -8.65 0.78 -4.94
N GLN A 355 -7.73 1.37 -4.23
CA GLN A 355 -8.09 2.18 -3.11
C GLN A 355 -8.97 3.32 -3.54
N THR A 356 -8.81 3.80 -4.76
CA THR A 356 -9.79 4.69 -5.35
C THR A 356 -10.20 5.84 -4.44
N MET B 3 17.64 39.95 7.66
CA MET B 3 17.15 39.49 6.37
C MET B 3 16.51 38.12 6.46
N GLN B 4 15.27 38.02 6.01
CA GLN B 4 14.62 36.73 6.04
C GLN B 4 14.44 36.19 4.63
N ILE B 5 14.80 34.92 4.48
CA ILE B 5 14.55 34.20 3.24
C ILE B 5 13.56 33.09 3.54
N PHE B 6 12.97 32.54 2.48
CA PHE B 6 12.01 31.45 2.59
C PHE B 6 12.54 30.22 1.86
N VAL B 7 12.54 29.08 2.52
CA VAL B 7 12.99 27.85 1.88
C VAL B 7 11.77 26.94 1.71
N LYS B 8 11.48 26.54 0.47
CA LYS B 8 10.29 25.74 0.20
C LYS B 8 10.59 24.31 -0.24
N THR B 9 9.80 23.37 0.25
CA THR B 9 9.95 21.97 -0.12
C THR B 9 8.81 21.51 -1.02
N LEU B 10 9.05 20.44 -1.78
CA LEU B 10 8.01 19.87 -2.65
C LEU B 10 6.73 19.57 -1.85
N THR B 11 6.90 19.15 -0.58
CA THR B 11 5.76 18.77 0.24
C THR B 11 4.92 19.95 0.71
N GLY B 12 5.34 21.17 0.41
CA GLY B 12 4.54 22.34 0.71
C GLY B 12 4.97 23.05 1.98
N LYS B 13 6.06 22.58 2.57
CA LYS B 13 6.59 23.25 3.75
C LYS B 13 7.30 24.53 3.33
N THR B 14 7.17 25.56 4.16
CA THR B 14 7.94 26.78 3.98
C THR B 14 8.78 27.05 5.23
N ILE B 15 10.09 27.13 5.07
CA ILE B 15 10.94 27.40 6.21
C ILE B 15 11.42 28.84 6.16
N THR B 16 10.99 29.63 7.15
CA THR B 16 11.44 31.03 7.24
C THR B 16 12.72 31.12 8.06
N LEU B 17 13.79 31.54 7.41
CA LEU B 17 15.09 31.65 8.04
C LEU B 17 15.51 33.10 8.15
N GLU B 18 16.06 33.43 9.32
CA GLU B 18 16.69 34.69 9.59
C GLU B 18 18.19 34.55 9.28
N VAL B 19 18.63 35.23 8.24
CA VAL B 19 19.99 35.08 7.75
C VAL B 19 20.57 36.45 7.46
N GLU B 20 21.80 36.51 6.94
CA GLU B 20 22.37 37.77 6.45
C GLU B 20 23.32 37.36 5.30
N PRO B 21 23.58 38.26 4.32
CA PRO B 21 24.31 37.89 3.10
C PRO B 21 25.61 37.14 3.33
N SER B 22 26.25 37.41 4.45
CA SER B 22 27.53 36.82 4.79
C SER B 22 27.42 35.31 4.96
N ASP B 23 26.26 34.85 5.41
CA ASP B 23 26.05 33.42 5.70
C ASP B 23 26.41 32.56 4.50
N THR B 24 27.15 31.50 4.75
CA THR B 24 27.45 30.52 3.72
C THR B 24 26.30 29.53 3.60
N ILE B 25 26.35 28.70 2.57
CA ILE B 25 25.27 27.72 2.31
C ILE B 25 25.24 26.60 3.35
N GLU B 26 26.40 26.23 3.90
CA GLU B 26 26.45 25.29 5.02
C GLU B 26 25.71 25.87 6.20
N ASN B 27 25.99 27.13 6.51
CA ASN B 27 25.31 27.81 7.61
C ASN B 27 23.81 27.72 7.46
N VAL B 28 23.33 28.02 6.25
CA VAL B 28 21.91 27.92 5.96
C VAL B 28 21.41 26.49 6.17
N LYS B 29 22.18 25.52 5.68
CA LYS B 29 21.79 24.13 5.85
C LYS B 29 21.76 23.73 7.32
N ALA B 30 22.68 24.29 8.11
CA ALA B 30 22.70 24.04 9.56
C ALA B 30 21.45 24.62 10.20
N LYS B 31 21.08 25.83 9.79
CA LYS B 31 19.87 26.48 10.27
C LYS B 31 18.63 25.64 9.96
N ILE B 32 18.59 25.09 8.74
CA ILE B 32 17.48 24.25 8.31
C ILE B 32 17.40 22.99 9.19
N GLN B 33 18.55 22.41 9.50
CA GLN B 33 18.60 21.29 10.42
C GLN B 33 18.16 21.66 11.85
N ASP B 34 18.52 22.86 12.29
CA ASP B 34 18.13 23.32 13.62
C ASP B 34 16.61 23.37 13.74
N LYS B 35 15.95 23.87 12.69
CA LYS B 35 14.53 24.12 12.76
C LYS B 35 13.70 22.90 12.35
N GLU B 36 14.23 22.09 11.44
CA GLU B 36 13.45 20.99 10.86
C GLU B 36 14.08 19.61 11.01
N GLY B 37 15.33 19.55 11.48
CA GLY B 37 15.98 18.28 11.74
C GLY B 37 16.31 17.50 10.48
N ILE B 38 16.45 18.22 9.37
CA ILE B 38 16.87 17.65 8.10
C ILE B 38 18.39 17.69 7.99
N PRO B 39 19.02 16.52 7.87
CA PRO B 39 20.49 16.44 7.74
C PRO B 39 20.99 17.27 6.56
N PRO B 40 22.04 18.08 6.78
CA PRO B 40 22.66 18.85 5.71
C PRO B 40 23.07 17.93 4.53
N ASP B 41 23.49 16.72 4.88
CA ASP B 41 23.84 15.65 3.94
C ASP B 41 22.77 15.42 2.87
N GLN B 42 21.51 15.72 3.19
CA GLN B 42 20.41 15.35 2.31
C GLN B 42 19.68 16.56 1.76
N GLN B 43 20.29 17.72 1.97
CA GLN B 43 19.72 18.98 1.55
C GLN B 43 20.32 19.43 0.25
N ARG B 44 19.47 19.78 -0.71
CA ARG B 44 19.92 20.40 -1.96
C ARG B 44 19.18 21.73 -2.13
N LEU B 45 19.89 22.83 -1.98
CA LEU B 45 19.29 24.14 -2.10
C LEU B 45 19.39 24.67 -3.52
N ILE B 46 18.27 25.17 -4.04
CA ILE B 46 18.19 25.74 -5.38
C ILE B 46 17.71 27.17 -5.30
N PHE B 47 18.39 28.07 -6.02
CA PHE B 47 17.92 29.43 -6.23
C PHE B 47 18.10 29.83 -7.70
N ALA B 48 17.07 30.47 -8.27
CA ALA B 48 17.09 30.89 -9.67
C ALA B 48 17.50 29.75 -10.59
N GLY B 49 17.03 28.54 -10.27
CA GLY B 49 17.28 27.38 -11.11
C GLY B 49 18.70 26.88 -11.01
N LYS B 50 19.48 27.52 -10.14
CA LYS B 50 20.88 27.15 -9.92
C LYS B 50 21.05 26.49 -8.56
N GLN B 51 21.84 25.42 -8.53
CA GLN B 51 22.10 24.73 -7.28
C GLN B 51 23.22 25.43 -6.51
N LEU B 52 22.96 25.71 -5.24
CA LEU B 52 23.89 26.48 -4.42
C LEU B 52 24.99 25.58 -3.89
N GLU B 53 26.24 26.04 -3.97
CA GLU B 53 27.38 25.26 -3.50
C GLU B 53 27.75 25.63 -2.08
N ASP B 54 28.07 24.62 -1.28
CA ASP B 54 28.40 24.80 0.14
C ASP B 54 29.37 25.98 0.38
N GLY B 55 30.58 25.89 -0.14
CA GLY B 55 31.62 26.88 0.14
C GLY B 55 31.25 28.35 0.02
N ARG B 56 30.30 28.67 -0.87
CA ARG B 56 29.98 30.06 -1.19
C ARG B 56 28.90 30.64 -0.30
N THR B 57 28.73 31.96 -0.37
CA THR B 57 27.78 32.68 0.47
C THR B 57 26.52 33.03 -0.29
N LEU B 58 25.54 33.55 0.44
CA LEU B 58 24.26 33.96 -0.14
C LEU B 58 24.41 35.15 -1.10
N SER B 59 25.25 36.12 -0.73
CA SER B 59 25.41 37.32 -1.52
C SER B 59 26.13 36.99 -2.84
N ASP B 60 26.84 35.87 -2.85
CA ASP B 60 27.48 35.37 -4.07
C ASP B 60 26.46 34.99 -5.15
N TYR B 61 25.27 34.58 -4.71
CA TYR B 61 24.21 34.20 -5.65
C TYR B 61 23.16 35.28 -5.79
N ASN B 62 23.46 36.48 -5.29
CA ASN B 62 22.52 37.60 -5.28
C ASN B 62 21.21 37.23 -4.59
N ILE B 63 21.30 36.42 -3.56
CA ILE B 63 20.14 36.10 -2.74
C ILE B 63 19.86 37.26 -1.80
N GLN B 64 18.69 37.87 -1.95
CA GLN B 64 18.35 39.05 -1.17
C GLN B 64 17.20 38.79 -0.20
N LYS B 65 16.71 39.84 0.44
CA LYS B 65 15.60 39.71 1.38
C LYS B 65 14.35 39.19 0.69
N GLU B 66 13.56 38.41 1.43
CA GLU B 66 12.28 37.88 0.96
C GLU B 66 12.48 36.97 -0.27
N SER B 67 13.72 36.54 -0.50
CA SER B 67 14.01 35.59 -1.56
C SER B 67 13.45 34.22 -1.20
N THR B 68 13.03 33.49 -2.22
CA THR B 68 12.53 32.14 -2.05
C THR B 68 13.50 31.13 -2.66
N LEU B 69 13.91 30.17 -1.83
CA LEU B 69 14.79 29.09 -2.24
C LEU B 69 14.02 27.77 -2.29
N HIS B 70 14.45 26.84 -3.13
CA HIS B 70 13.88 25.49 -3.11
C HIS B 70 14.83 24.53 -2.41
N LEU B 71 14.26 23.73 -1.52
CA LEU B 71 15.00 22.67 -0.86
C LEU B 71 14.66 21.35 -1.52
N VAL B 72 15.54 20.88 -2.39
CA VAL B 72 15.35 19.58 -3.02
C VAL B 72 16.02 18.53 -2.15
N LEU B 73 15.36 17.38 -1.99
CA LEU B 73 15.90 16.39 -1.08
C LEU B 73 16.85 15.42 -1.76
N ARG B 74 18.08 15.44 -1.29
CA ARG B 74 19.19 14.65 -1.78
C ARG B 74 19.11 13.26 -1.24
N LEU B 75 19.45 12.27 -2.04
CA LEU B 75 19.33 10.91 -1.57
C LEU B 75 20.64 10.15 -1.70
N SER C 2 -11.53 14.82 26.42
CA SER C 2 -10.46 14.92 25.43
C SER C 2 -9.69 13.60 25.35
N VAL C 3 -8.56 13.60 24.65
CA VAL C 3 -7.69 12.42 24.61
C VAL C 3 -6.26 12.86 24.94
N PRO C 4 -5.40 11.92 25.39
CA PRO C 4 -4.02 12.29 25.72
C PRO C 4 -3.29 12.85 24.49
N THR C 5 -2.38 13.79 24.68
CA THR C 5 -1.62 14.36 23.58
C THR C 5 -0.68 13.29 23.01
N TRP C 6 -0.65 13.16 21.69
CA TRP C 6 0.04 12.03 21.06
C TRP C 6 1.49 12.35 20.71
N ASN C 7 1.74 13.60 20.32
CA ASN C 7 3.09 14.05 19.98
C ASN C 7 3.79 13.18 18.91
N GLY C 8 3.01 12.76 17.93
CA GLY C 8 3.53 11.99 16.81
C GLY C 8 4.13 10.63 17.13
N PHE C 9 3.70 10.00 18.21
CA PHE C 9 4.15 8.63 18.47
C PHE C 9 3.58 7.69 17.41
N SER C 10 4.41 6.75 16.95
CA SER C 10 3.95 5.78 15.96
C SER C 10 4.85 4.56 15.89
N LEU C 11 4.22 3.40 15.73
CA LEU C 11 4.92 2.16 15.44
C LEU C 11 6.00 2.30 14.35
N TYR C 12 5.73 3.14 13.35
CA TYR C 12 6.60 3.17 12.16
C TYR C 12 7.73 4.20 12.24
N THR C 13 7.75 5.01 13.30
CA THR C 13 8.87 5.94 13.51
C THR C 13 9.57 5.75 14.86
N ASP C 14 8.93 5.09 15.82
CA ASP C 14 9.58 5.01 17.14
C ASP C 14 10.74 4.02 17.12
N GLU C 15 11.92 4.55 17.44
CA GLU C 15 13.16 3.78 17.42
C GLU C 15 13.18 2.61 18.38
N THR C 16 12.61 2.80 19.58
CA THR C 16 12.70 1.80 20.64
C THR C 16 11.94 0.54 20.26
N VAL C 17 10.72 0.72 19.80
CA VAL C 17 9.85 -0.36 19.37
C VAL C 17 10.47 -1.08 18.17
N ARG C 18 11.05 -0.32 17.24
CA ARG C 18 11.73 -0.94 16.11
C ARG C 18 12.91 -1.79 16.60
N ASN C 19 13.66 -1.29 17.59
CA ASN C 19 14.79 -2.04 18.14
C ASN C 19 14.35 -3.34 18.83
N ALA C 20 13.24 -3.27 19.57
CA ALA C 20 12.70 -4.46 20.20
C ALA C 20 12.34 -5.52 19.13
N ALA C 21 11.71 -5.07 18.05
CA ALA C 21 11.36 -5.96 16.94
C ALA C 21 12.60 -6.58 16.29
N ARG C 22 13.64 -5.76 16.09
CA ARG C 22 14.88 -6.25 15.48
C ARG C 22 15.47 -7.36 16.33
N TYR C 23 15.46 -7.14 17.65
CA TYR C 23 16.03 -8.09 18.60
C TYR C 23 15.25 -9.39 18.59
N ALA C 24 13.93 -9.27 18.66
CA ALA C 24 13.05 -10.43 18.67
C ALA C 24 13.25 -11.25 17.39
N TYR C 25 13.45 -10.59 16.26
CA TYR C 25 13.70 -11.33 15.02
C TYR C 25 15.09 -11.96 15.03
N ASP C 26 16.11 -11.17 15.34
CA ASP C 26 17.50 -11.63 15.37
C ASP C 26 17.76 -12.83 16.29
N ASN C 27 17.05 -12.87 17.40
CA ASN C 27 17.30 -13.89 18.38
C ASN C 27 16.25 -14.96 18.47
N TYR C 28 15.13 -14.79 17.81
CA TYR C 28 14.06 -15.76 17.91
C TYR C 28 13.30 -16.01 16.63
N LEU C 29 12.60 -14.99 16.17
CA LEU C 29 11.69 -15.14 15.07
C LEU C 29 12.40 -15.55 13.78
N GLY C 30 13.59 -15.04 13.54
CA GLY C 30 14.33 -15.46 12.37
C GLY C 30 15.14 -16.73 12.56
N LYS C 31 14.94 -17.39 13.70
CA LYS C 31 15.66 -18.64 13.97
C LYS C 31 14.80 -19.85 13.60
N PRO C 32 15.46 -20.98 13.27
CA PRO C 32 14.71 -22.21 12.99
C PRO C 32 13.92 -22.70 14.20
N TYR C 33 12.73 -23.21 13.94
CA TYR C 33 11.94 -23.92 14.92
C TYR C 33 12.71 -25.14 15.45
N THR C 34 12.78 -25.27 16.77
CA THR C 34 13.47 -26.41 17.39
C THR C 34 12.57 -27.64 17.50
N GLY C 35 11.28 -27.42 17.67
CA GLY C 35 10.31 -28.50 17.80
C GLY C 35 10.05 -29.27 16.52
N THR C 36 8.97 -30.05 16.51
CA THR C 36 8.69 -30.97 15.42
C THR C 36 7.42 -30.64 14.63
N VAL C 37 6.50 -29.94 15.27
CA VAL C 37 5.18 -29.66 14.67
C VAL C 37 5.19 -28.49 13.69
N GLU C 38 5.14 -28.85 12.41
CA GLU C 38 5.15 -27.94 11.30
C GLU C 38 6.32 -26.99 11.41
N ALA C 39 7.48 -27.55 11.70
CA ALA C 39 8.70 -26.80 11.95
C ALA C 39 9.56 -26.70 10.71
N THR C 40 9.22 -27.45 9.67
CA THR C 40 10.02 -27.45 8.45
C THR C 40 9.98 -26.06 7.77
N PRO C 41 11.17 -25.46 7.58
CA PRO C 41 11.32 -24.12 6.99
C PRO C 41 11.04 -24.07 5.49
N VAL C 42 10.57 -22.92 5.01
CA VAL C 42 10.16 -22.80 3.65
C VAL C 42 11.05 -21.87 2.88
N ASN C 43 11.26 -22.22 1.62
CA ASN C 43 12.12 -21.46 0.75
C ASN C 43 11.31 -20.72 -0.28
N PHE C 44 11.25 -19.39 -0.20
CA PHE C 44 10.55 -18.59 -1.23
C PHE C 44 11.55 -17.95 -2.14
N GLY C 45 11.67 -18.45 -3.36
CA GLY C 45 12.60 -17.85 -4.31
C GLY C 45 14.04 -17.82 -3.84
N GLY C 46 14.44 -18.82 -3.07
CA GLY C 46 15.79 -18.89 -2.58
C GLY C 46 16.16 -18.31 -1.23
N GLN C 47 15.23 -17.63 -0.55
CA GLN C 47 15.51 -17.26 0.86
C GLN C 47 14.55 -17.94 1.81
N MET C 48 15.02 -18.27 3.00
CA MET C 48 14.29 -19.15 3.88
C MET C 48 13.41 -18.36 4.81
N VAL C 49 12.25 -18.92 5.09
CA VAL C 49 11.35 -18.35 6.07
C VAL C 49 11.09 -19.43 7.09
N TYR C 50 11.59 -19.25 8.29
CA TYR C 50 11.56 -20.31 9.30
C TYR C 50 10.22 -20.38 10.03
N ARG C 51 9.60 -19.24 10.28
CA ARG C 51 8.37 -19.18 11.07
C ARG C 51 7.30 -18.43 10.31
N GLN C 52 6.55 -19.12 9.44
CA GLN C 52 5.87 -18.44 8.34
C GLN C 52 4.62 -17.88 8.95
N HIS C 53 4.10 -18.60 9.95
CA HIS C 53 2.82 -18.31 10.56
C HIS C 53 2.94 -17.49 11.84
N HIS C 54 3.97 -17.75 12.64
CA HIS C 54 4.20 -16.96 13.85
C HIS C 54 5.58 -16.34 13.81
N GLY C 55 5.82 -15.54 12.78
CA GLY C 55 7.13 -14.95 12.59
C GLY C 55 7.08 -13.44 12.64
N LEU C 56 7.93 -12.81 11.86
CA LEU C 56 8.10 -11.37 11.93
C LEU C 56 6.86 -10.61 11.43
N ALA C 57 6.27 -11.06 10.33
CA ALA C 57 5.15 -10.30 9.75
C ALA C 57 3.92 -10.37 10.66
N HIS C 58 3.61 -11.57 11.12
CA HIS C 58 2.58 -11.77 12.12
C HIS C 58 2.76 -10.81 13.31
N THR C 59 3.94 -10.88 13.93
CA THR C 59 4.25 -10.08 15.12
C THR C 59 4.13 -8.57 14.85
N LEU C 60 4.74 -8.08 13.78
CA LEU C 60 4.58 -6.69 13.38
C LEU C 60 3.11 -6.31 13.10
N ARG C 61 2.34 -7.21 12.48
CA ARG C 61 0.93 -6.91 12.27
C ARG C 61 0.17 -6.72 13.58
N THR C 62 0.49 -7.50 14.63
CA THR C 62 -0.24 -7.38 15.88
C THR C 62 0.05 -6.02 16.52
N MET C 63 1.28 -5.55 16.37
CA MET C 63 1.63 -4.21 16.87
C MET C 63 0.87 -3.15 16.06
N ALA C 64 0.75 -3.36 14.74
CA ALA C 64 0.02 -2.41 13.91
C ALA C 64 -1.46 -2.39 14.31
N TYR C 65 -2.00 -3.55 14.69
CA TYR C 65 -3.41 -3.64 15.12
C TYR C 65 -3.61 -2.83 16.41
N ALA C 66 -2.68 -3.00 17.36
CA ALA C 66 -2.75 -2.29 18.63
C ALA C 66 -2.84 -0.78 18.37
N GLU C 67 -1.99 -0.32 17.47
CA GLU C 67 -1.96 1.08 17.07
C GLU C 67 -3.29 1.55 16.46
N ILE C 68 -3.84 0.82 15.49
CA ILE C 68 -5.08 1.30 14.87
C ILE C 68 -6.26 1.18 15.81
N ILE C 69 -6.20 0.23 16.73
CA ILE C 69 -7.27 0.06 17.71
C ILE C 69 -7.33 1.30 18.62
N VAL C 70 -6.19 1.77 19.07
CA VAL C 70 -6.16 2.93 19.90
C VAL C 70 -6.55 4.17 19.13
N GLU C 71 -6.08 4.30 17.90
CA GLU C 71 -6.42 5.45 17.11
C GLU C 71 -7.89 5.55 16.91
N GLU C 72 -8.53 4.41 16.70
CA GLU C 72 -9.94 4.39 16.40
C GLU C 72 -10.73 4.56 17.68
N ALA C 73 -10.22 4.05 18.77
CA ALA C 73 -10.83 4.27 20.07
C ALA C 73 -10.80 5.75 20.45
N ARG C 74 -9.72 6.43 20.09
CA ARG C 74 -9.61 7.86 20.37
C ARG C 74 -10.68 8.63 19.59
N LYS C 75 -10.86 8.28 18.33
CA LYS C 75 -11.85 8.97 17.50
C LYS C 75 -13.26 8.68 18.00
N ALA C 76 -13.48 7.45 18.49
CA ALA C 76 -14.78 7.06 19.02
C ALA C 76 -15.16 7.91 20.23
N LYS C 77 -14.21 8.07 21.14
CA LYS C 77 -14.45 8.85 22.36
C LYS C 77 -14.77 10.30 22.02
N LEU C 78 -14.01 10.87 21.08
CA LEU C 78 -14.21 12.25 20.66
C LEU C 78 -15.55 12.44 19.96
N ARG C 79 -16.11 11.36 19.41
CA ARG C 79 -17.45 11.42 18.82
C ARG C 79 -18.52 11.31 19.90
N GLY C 80 -18.09 11.08 21.14
CA GLY C 80 -18.99 11.01 22.26
C GLY C 80 -19.52 9.61 22.57
N GLU C 81 -18.91 8.59 21.97
CA GLU C 81 -19.30 7.20 22.25
C GLU C 81 -18.84 6.80 23.65
N SER C 82 -19.65 6.01 24.34
CA SER C 82 -19.26 5.54 25.66
C SER C 82 -18.63 4.16 25.57
N LEU C 83 -17.32 4.09 25.81
CA LEU C 83 -16.57 2.85 25.63
C LEU C 83 -16.48 2.05 26.93
N LYS C 84 -16.23 0.74 26.82
CA LYS C 84 -16.09 -0.07 28.03
C LYS C 84 -14.91 0.42 28.87
N THR C 85 -15.11 0.48 30.19
CA THR C 85 -14.06 0.94 31.11
C THR C 85 -13.39 -0.18 31.90
N PHE C 86 -12.11 0.03 32.17
CA PHE C 86 -11.34 -0.83 33.07
C PHE C 86 -11.59 -0.43 34.51
N ALA C 87 -10.89 -1.12 35.42
CA ALA C 87 -11.07 -0.93 36.84
C ALA C 87 -10.72 0.50 37.29
N ASP C 88 -9.77 1.13 36.61
CA ASP C 88 -9.33 2.47 37.00
C ASP C 88 -10.10 3.56 36.27
N GLY C 89 -11.18 3.17 35.60
CA GLY C 89 -12.04 4.13 34.92
C GLY C 89 -11.62 4.47 33.50
N ARG C 90 -10.47 3.97 33.07
CA ARG C 90 -9.97 4.26 31.72
C ARG C 90 -10.64 3.42 30.64
N THR C 91 -10.59 3.92 29.42
CA THR C 91 -10.94 3.15 28.22
C THR C 91 -9.70 3.09 27.34
N LEU C 92 -9.74 2.28 26.30
CA LEU C 92 -8.63 2.23 25.34
C LEU C 92 -8.28 3.61 24.78
N ALA C 93 -9.24 4.52 24.79
CA ALA C 93 -9.00 5.87 24.25
C ALA C 93 -8.09 6.67 25.17
N ASP C 94 -7.83 6.15 26.37
CA ASP C 94 -7.03 6.87 27.35
C ASP C 94 -5.61 6.32 27.44
N VAL C 95 -5.27 5.36 26.59
CA VAL C 95 -3.90 4.86 26.53
C VAL C 95 -2.94 6.00 26.14
N THR C 96 -1.83 6.13 26.84
CA THR C 96 -0.82 7.15 26.50
C THR C 96 0.18 6.60 25.49
N PRO C 97 0.90 7.48 24.78
CA PRO C 97 1.96 6.99 23.89
C PRO C 97 3.03 6.17 24.63
N GLU C 98 3.41 6.61 25.82
CA GLU C 98 4.40 5.90 26.64
C GLU C 98 3.92 4.49 26.95
N GLU C 99 2.65 4.39 27.31
CA GLU C 99 2.07 3.09 27.60
C GLU C 99 1.99 2.23 26.32
N LEU C 100 1.60 2.83 25.20
CA LEU C 100 1.44 2.07 23.96
C LEU C 100 2.79 1.51 23.53
N ARG C 101 3.85 2.29 23.74
CA ARG C 101 5.21 1.84 23.47
C ARG C 101 5.55 0.53 24.20
N LYS C 102 5.27 0.49 25.49
CA LYS C 102 5.58 -0.68 26.30
C LYS C 102 4.79 -1.90 25.84
N ILE C 103 3.52 -1.68 25.50
CA ILE C 103 2.63 -2.73 24.99
C ILE C 103 3.18 -3.32 23.70
N MET C 104 3.64 -2.45 22.81
CA MET C 104 4.18 -2.91 21.53
C MET C 104 5.47 -3.69 21.72
N ILE C 105 6.32 -3.24 22.65
CA ILE C 105 7.52 -3.99 22.96
C ILE C 105 7.16 -5.40 23.47
N ALA C 106 6.16 -5.47 24.35
CA ALA C 106 5.68 -6.75 24.87
C ALA C 106 5.10 -7.60 23.75
N GLN C 107 4.33 -6.96 22.87
CA GLN C 107 3.76 -7.65 21.73
C GLN C 107 4.85 -8.25 20.85
N ALA C 108 5.97 -7.52 20.74
CA ALA C 108 7.07 -7.98 19.90
C ALA C 108 7.67 -9.30 20.41
N PHE C 109 7.42 -9.63 21.67
CA PHE C 109 7.97 -10.86 22.22
C PHE C 109 6.93 -11.96 22.41
N PHE C 110 5.68 -11.70 22.01
CA PHE C 110 4.57 -12.56 22.44
C PHE C 110 4.66 -14.02 21.93
N VAL C 111 5.21 -14.24 20.73
CA VAL C 111 5.36 -15.62 20.25
C VAL C 111 6.84 -16.00 20.04
N THR C 112 7.77 -15.21 20.57
CA THR C 112 9.19 -15.54 20.48
C THR C 112 9.51 -16.89 21.12
N GLY C 113 8.69 -17.29 22.09
CA GLY C 113 8.98 -18.46 22.89
C GLY C 113 8.52 -19.77 22.27
N ARG C 114 7.86 -19.69 21.11
CA ARG C 114 7.39 -20.88 20.40
C ARG C 114 8.54 -21.72 19.86
N ASP C 115 8.51 -23.02 20.11
CA ASP C 115 9.48 -23.95 19.57
C ASP C 115 8.99 -24.53 18.24
N ASP C 116 7.66 -24.59 18.08
CA ASP C 116 7.06 -25.04 16.83
C ASP C 116 5.65 -24.45 16.71
N GLU C 117 4.79 -25.09 15.91
CA GLU C 117 3.43 -24.60 15.73
C GLU C 117 2.38 -25.46 16.44
N GLU C 118 2.75 -26.06 17.56
CA GLU C 118 1.79 -26.81 18.39
C GLU C 118 0.64 -25.90 18.80
N SER C 119 -0.57 -26.44 18.71
CA SER C 119 -1.78 -25.66 18.93
C SER C 119 -2.08 -25.43 20.42
N SER C 120 -1.98 -26.47 21.23
CA SER C 120 -2.48 -26.39 22.61
C SER C 120 -1.58 -27.04 23.66
N LYS C 121 -0.87 -28.09 23.25
CA LYS C 121 -0.10 -28.88 24.20
C LYS C 121 0.96 -28.06 24.95
N ASN C 122 1.45 -26.98 24.33
CA ASN C 122 2.53 -26.23 24.94
C ASN C 122 2.25 -24.75 25.13
N TYR C 123 1.05 -24.40 25.59
CA TYR C 123 0.70 -23.00 25.74
C TYR C 123 1.54 -22.31 26.82
N GLU C 124 1.50 -22.87 28.02
CA GLU C 124 2.22 -22.28 29.13
C GLU C 124 3.73 -22.27 28.88
N LYS C 125 4.25 -23.38 28.38
CA LYS C 125 5.68 -23.48 28.12
C LYS C 125 6.15 -22.44 27.13
N TYR C 126 5.39 -22.24 26.06
CA TYR C 126 5.79 -21.30 25.02
C TYR C 126 5.69 -19.86 25.52
N HIS C 127 4.69 -19.60 26.35
CA HIS C 127 4.48 -18.27 26.90
C HIS C 127 5.50 -17.92 27.97
N GLU C 128 5.89 -18.91 28.77
CA GLU C 128 6.95 -18.73 29.74
C GLU C 128 8.28 -18.44 29.04
N GLN C 129 8.53 -19.14 27.92
CA GLN C 129 9.75 -18.93 27.16
C GLN C 129 9.73 -17.56 26.48
N SER C 130 8.54 -17.14 26.06
CA SER C 130 8.36 -15.80 25.51
C SER C 130 8.63 -14.76 26.59
N ARG C 131 8.12 -15.02 27.78
CA ARG C 131 8.33 -14.14 28.92
C ARG C 131 9.82 -13.98 29.19
N ASP C 132 10.53 -15.10 29.22
CA ASP C 132 11.96 -15.08 29.46
C ASP C 132 12.69 -14.31 28.36
N ALA C 133 12.27 -14.49 27.12
CA ALA C 133 12.87 -13.77 26.01
C ALA C 133 12.80 -12.27 26.27
N PHE C 134 11.61 -11.81 26.63
CA PHE C 134 11.35 -10.41 26.94
C PHE C 134 12.20 -9.92 28.12
N LEU C 135 12.31 -10.76 29.14
CA LEU C 135 13.11 -10.41 30.31
C LEU C 135 14.60 -10.39 29.98
N LYS C 136 15.05 -11.30 29.12
CA LYS C 136 16.46 -11.31 28.74
C LYS C 136 16.80 -10.03 27.97
N TYR C 137 15.91 -9.62 27.06
CA TYR C 137 16.09 -8.39 26.29
C TYR C 137 16.21 -7.16 27.19
N VAL C 138 15.30 -7.07 28.16
CA VAL C 138 15.25 -5.95 29.08
C VAL C 138 16.54 -5.79 29.88
N GLU C 139 17.05 -6.87 30.47
CA GLU C 139 18.22 -6.71 31.34
C GLU C 139 19.51 -6.50 30.54
N GLU C 140 19.51 -7.00 29.29
CA GLU C 140 20.62 -6.77 28.37
C GLU C 140 20.62 -5.33 27.87
N ASN C 141 19.50 -4.63 28.09
CA ASN C 141 19.36 -3.25 27.65
C ASN C 141 18.69 -2.37 28.71
N LYS C 142 18.75 -2.78 29.97
CA LYS C 142 18.09 -2.03 31.04
C LYS C 142 18.66 -0.64 31.21
N SER C 143 19.95 -0.48 30.89
CA SER C 143 20.58 0.83 30.96
C SER C 143 19.86 1.86 30.08
N THR C 144 19.30 1.39 28.96
CA THR C 144 18.58 2.26 28.03
C THR C 144 17.08 2.25 28.30
N LEU C 145 16.58 1.11 28.74
CA LEU C 145 15.14 0.90 28.86
C LEU C 145 14.60 1.44 30.18
N ILE C 146 15.46 1.51 31.19
CA ILE C 146 15.07 1.99 32.51
C ILE C 146 15.86 3.20 32.97
N PRO C 147 15.16 4.23 33.44
CA PRO C 147 13.70 4.18 33.57
C PRO C 147 12.98 4.77 32.35
N ASP C 148 13.73 5.21 31.36
CA ASP C 148 13.16 5.96 30.25
C ASP C 148 11.96 5.29 29.60
N VAL C 149 12.00 3.99 29.42
CA VAL C 149 10.90 3.30 28.77
C VAL C 149 10.05 2.56 29.77
N PHE C 150 10.69 1.83 30.66
CA PHE C 150 9.99 1.17 31.72
C PHE C 150 10.42 1.80 33.02
N LYS C 151 9.48 2.22 33.84
CA LYS C 151 9.84 2.98 35.02
C LYS C 151 10.69 2.19 36.00
N ASP C 152 10.36 0.95 36.24
CA ASP C 152 11.09 0.16 37.21
C ASP C 152 10.82 -1.29 37.03
N GLU C 153 11.46 -2.11 37.84
CA GLU C 153 11.36 -3.55 37.68
C GLU C 153 9.93 -4.00 37.84
N LYS C 154 9.18 -3.29 38.64
CA LYS C 154 7.78 -3.58 38.77
C LYS C 154 7.05 -3.36 37.45
N ASP C 155 7.37 -2.31 36.73
CA ASP C 155 6.72 -2.05 35.45
C ASP C 155 7.05 -3.18 34.51
N VAL C 156 8.30 -3.56 34.49
CA VAL C 156 8.75 -4.57 33.58
C VAL C 156 8.01 -5.83 33.88
N LYS C 157 7.84 -6.13 35.16
CA LYS C 157 7.25 -7.37 35.56
C LYS C 157 5.81 -7.46 35.09
N PHE C 158 5.15 -6.34 35.15
CA PHE C 158 3.75 -6.25 34.73
C PHE C 158 3.56 -6.72 33.28
N TYR C 159 4.45 -6.28 32.38
CA TYR C 159 4.31 -6.68 30.97
C TYR C 159 4.80 -8.10 30.72
N ALA C 160 5.83 -8.52 31.48
CA ALA C 160 6.24 -9.91 31.51
C ALA C 160 5.06 -10.83 31.86
N ASP C 161 4.27 -10.40 32.83
CA ASP C 161 3.11 -11.17 33.27
C ASP C 161 2.03 -11.20 32.19
N VAL C 162 1.86 -10.08 31.49
CA VAL C 162 0.94 -10.02 30.36
C VAL C 162 1.37 -11.03 29.29
N ILE C 163 2.66 -11.04 28.95
CA ILE C 163 3.20 -12.00 28.00
C ILE C 163 2.99 -13.43 28.44
N GLU C 164 3.30 -13.72 29.69
CA GLU C 164 3.16 -15.07 30.24
C GLU C 164 1.70 -15.55 30.23
N ASP C 165 0.78 -14.63 30.54
CA ASP C 165 -0.66 -14.92 30.50
C ASP C 165 -1.02 -16.16 31.34
N LYS C 166 -0.70 -16.12 32.63
CA LYS C 166 -0.85 -17.30 33.48
C LYS C 166 -2.32 -17.65 33.72
N ASP C 167 -3.15 -16.65 33.98
CA ASP C 167 -4.54 -16.91 34.35
C ASP C 167 -5.51 -16.38 33.31
N HIS C 168 -4.98 -16.01 32.14
CA HIS C 168 -5.78 -15.62 31.00
C HIS C 168 -6.78 -14.52 31.30
N LYS C 169 -6.32 -13.49 31.99
CA LYS C 169 -7.14 -12.32 32.27
C LYS C 169 -6.98 -11.33 31.12
N TRP C 170 -7.62 -11.65 30.00
CA TRP C 170 -7.40 -10.92 28.77
C TRP C 170 -8.04 -9.53 28.75
N ALA C 171 -8.80 -9.18 29.80
CA ALA C 171 -9.51 -7.90 29.81
C ALA C 171 -9.19 -7.01 31.02
N ASP C 172 -8.07 -7.23 31.69
CA ASP C 172 -7.75 -6.52 32.92
C ASP C 172 -7.24 -5.10 32.72
N SER C 173 -6.48 -4.88 31.65
CA SER C 173 -5.84 -3.61 31.40
C SER C 173 -5.78 -3.37 29.91
N PRO C 174 -5.49 -2.12 29.50
CA PRO C 174 -5.29 -1.88 28.07
C PRO C 174 -4.20 -2.78 27.52
N ALA C 175 -3.10 -2.96 28.26
CA ALA C 175 -2.07 -3.91 27.83
C ALA C 175 -2.63 -5.32 27.56
N HIS C 176 -3.46 -5.84 28.47
CA HIS C 176 -4.00 -7.19 28.33
C HIS C 176 -4.87 -7.34 27.08
N VAL C 177 -5.74 -6.36 26.87
CA VAL C 177 -6.68 -6.33 25.77
C VAL C 177 -5.95 -6.23 24.42
N LEU C 178 -4.98 -5.33 24.36
CA LEU C 178 -4.27 -5.05 23.11
C LEU C 178 -3.29 -6.15 22.73
N VAL C 179 -2.69 -6.81 23.72
CA VAL C 179 -1.75 -7.87 23.40
C VAL C 179 -2.54 -9.11 22.97
N ASN C 180 -3.58 -9.45 23.75
CA ASN C 180 -4.32 -10.66 23.44
C ASN C 180 -5.26 -10.52 22.22
N GLN C 181 -6.00 -9.43 22.13
CA GLN C 181 -6.90 -9.27 20.98
C GLN C 181 -6.09 -8.95 19.71
N GLY C 182 -4.97 -8.26 19.86
CA GLY C 182 -4.05 -8.05 18.76
C GLY C 182 -3.64 -9.39 18.16
N HIS C 183 -3.26 -10.31 19.03
CA HIS C 183 -2.85 -11.64 18.61
C HIS C 183 -4.03 -12.39 17.99
N MET C 184 -5.20 -12.21 18.58
CA MET C 184 -6.44 -12.88 18.19
C MET C 184 -6.89 -12.57 16.76
N VAL C 185 -6.95 -11.28 16.43
CA VAL C 185 -7.56 -10.88 15.18
C VAL C 185 -6.72 -11.27 13.96
N ASP C 186 -5.43 -11.53 14.17
CA ASP C 186 -4.56 -11.94 13.06
C ASP C 186 -5.00 -13.30 12.55
N LEU C 187 -5.75 -14.04 13.35
CA LEU C 187 -6.19 -15.38 12.96
C LEU C 187 -7.19 -15.33 11.80
N VAL C 188 -7.66 -14.15 11.46
CA VAL C 188 -8.56 -13.97 10.33
C VAL C 188 -7.88 -14.42 9.03
N ARG C 189 -6.54 -14.45 9.05
CA ARG C 189 -5.76 -14.91 7.92
C ARG C 189 -5.94 -16.40 7.63
N VAL C 190 -6.45 -17.17 8.60
CA VAL C 190 -6.53 -18.63 8.41
C VAL C 190 -7.86 -19.28 8.84
N LYS C 191 -8.57 -18.71 9.81
CA LYS C 191 -9.74 -19.39 10.38
C LYS C 191 -10.92 -19.49 9.41
N GLN C 192 -11.53 -20.69 9.39
CA GLN C 192 -12.74 -21.01 8.61
C GLN C 192 -13.77 -21.68 9.54
N PRO C 193 -15.07 -21.41 9.35
CA PRO C 193 -15.59 -20.50 8.33
C PRO C 193 -15.32 -19.03 8.68
N PRO C 194 -14.97 -18.22 7.68
CA PRO C 194 -14.50 -16.86 7.96
C PRO C 194 -15.63 -15.99 8.51
N GLU C 195 -16.87 -16.30 8.13
CA GLU C 195 -18.00 -15.51 8.61
C GLU C 195 -18.23 -15.71 10.11
N SER C 196 -18.16 -16.95 10.57
CA SER C 196 -18.35 -17.24 11.99
C SER C 196 -17.25 -16.56 12.79
N TYR C 197 -16.02 -16.65 12.31
CA TYR C 197 -14.89 -16.10 13.03
C TYR C 197 -14.91 -14.58 13.06
N LEU C 198 -15.32 -13.95 11.97
CA LEU C 198 -15.32 -12.48 11.92
C LEU C 198 -16.38 -11.92 12.84
N GLU C 199 -17.56 -12.54 12.85
CA GLU C 199 -18.63 -12.09 13.71
C GLU C 199 -18.20 -12.23 15.19
N TYR C 200 -17.55 -13.33 15.53
CA TYR C 200 -17.08 -13.52 16.90
C TYR C 200 -16.02 -12.49 17.30
N TYR C 201 -14.99 -12.32 16.48
CA TYR C 201 -13.93 -11.35 16.80
C TYR C 201 -14.52 -9.93 16.87
N PHE C 202 -15.53 -9.64 16.05
CA PHE C 202 -16.18 -8.34 16.10
C PHE C 202 -16.81 -8.14 17.46
N SER C 203 -17.41 -9.19 18.00
CA SER C 203 -18.10 -9.10 19.28
C SER C 203 -17.11 -8.90 20.43
N GLN C 204 -15.90 -9.43 20.27
CA GLN C 204 -14.89 -9.34 21.31
C GLN C 204 -14.28 -7.95 21.39
N LEU C 205 -14.17 -7.31 20.22
CA LEU C 205 -13.47 -6.04 20.14
C LEU C 205 -14.40 -4.82 20.30
N GLN C 206 -15.62 -4.94 19.78
CA GLN C 206 -16.58 -3.83 19.72
C GLN C 206 -16.88 -3.10 21.06
N PRO C 207 -17.04 -3.86 22.17
CA PRO C 207 -17.37 -3.10 23.39
C PRO C 207 -16.26 -2.18 23.88
N TRP C 208 -15.01 -2.45 23.51
CA TRP C 208 -13.91 -1.57 23.92
C TRP C 208 -13.81 -0.31 23.05
N ILE C 209 -14.10 -0.43 21.75
CA ILE C 209 -13.87 0.72 20.87
C ILE C 209 -15.09 1.18 20.09
N GLY C 210 -16.19 0.43 20.15
CA GLY C 210 -17.38 0.80 19.40
C GLY C 210 -17.47 0.19 18.01
N SER C 211 -18.67 0.17 17.45
CA SER C 211 -18.92 -0.48 16.17
C SER C 211 -18.17 0.17 15.01
N THR C 212 -18.29 1.49 14.90
CA THR C 212 -17.62 2.23 13.83
C THR C 212 -16.12 1.98 13.84
N ALA C 213 -15.51 2.05 15.01
CA ALA C 213 -14.07 1.84 15.14
C ALA C 213 -13.67 0.42 14.79
N THR C 214 -14.42 -0.53 15.31
CA THR C 214 -14.17 -1.95 15.04
C THR C 214 -14.26 -2.30 13.54
N GLU C 215 -15.19 -1.68 12.82
CA GLU C 215 -15.26 -1.88 11.37
C GLU C 215 -14.01 -1.37 10.68
N ALA C 216 -13.57 -0.18 11.08
CA ALA C 216 -12.35 0.40 10.53
C ALA C 216 -11.14 -0.49 10.81
N VAL C 217 -11.08 -1.08 12.00
CA VAL C 217 -9.97 -1.97 12.34
C VAL C 217 -9.90 -3.16 11.37
N PHE C 218 -11.01 -3.87 11.16
CA PHE C 218 -10.98 -5.01 10.24
C PHE C 218 -10.81 -4.58 8.77
N ALA C 219 -11.26 -3.39 8.41
CA ALA C 219 -11.05 -2.91 7.04
C ALA C 219 -9.55 -2.67 6.81
N THR C 220 -8.90 -1.99 7.75
CA THR C 220 -7.46 -1.76 7.68
C THR C 220 -6.66 -3.07 7.71
N GLN C 221 -7.05 -4.01 8.56
CA GLN C 221 -6.44 -5.34 8.59
C GLN C 221 -6.29 -5.94 7.18
N ARG C 222 -7.32 -5.75 6.38
CA ARG C 222 -7.37 -6.31 5.05
C ARG C 222 -6.24 -5.75 4.23
N GLN C 223 -6.01 -4.49 4.39
CA GLN C 223 -4.91 -3.82 3.69
C GLN C 223 -3.55 -4.21 4.31
N PHE C 224 -3.51 -4.39 5.62
CA PHE C 224 -2.28 -4.90 6.25
C PHE C 224 -1.93 -6.29 5.69
N PHE C 225 -2.95 -7.15 5.49
CA PHE C 225 -2.71 -8.47 4.92
C PHE C 225 -2.20 -8.39 3.47
N HIS C 226 -2.87 -7.60 2.63
CA HIS C 226 -2.42 -7.43 1.24
C HIS C 226 -0.97 -6.94 1.18
N ALA C 227 -0.70 -5.91 1.97
CA ALA C 227 0.63 -5.32 2.01
C ALA C 227 1.73 -6.30 2.50
N THR C 228 1.39 -7.26 3.36
CA THR C 228 2.41 -8.20 3.82
C THR C 228 2.27 -9.57 3.16
N TYR C 229 1.59 -9.61 2.01
CA TYR C 229 1.50 -10.84 1.22
C TYR C 229 0.90 -12.00 2.02
N GLU C 230 -0.10 -11.67 2.82
CA GLU C 230 -0.80 -12.65 3.64
C GLU C 230 -2.21 -12.80 3.09
N ALA C 231 -2.83 -13.95 3.35
CA ALA C 231 -4.11 -14.29 2.73
C ALA C 231 -5.28 -13.42 3.23
N VAL C 232 -6.14 -13.00 2.30
CA VAL C 232 -7.31 -12.22 2.65
C VAL C 232 -8.62 -13.01 2.42
N ALA C 233 -9.37 -13.22 3.50
CA ALA C 233 -10.56 -14.06 3.54
C ALA C 233 -11.74 -13.45 2.79
N GLY C 234 -12.57 -14.30 2.19
CA GLY C 234 -13.83 -13.85 1.66
C GLY C 234 -14.84 -13.71 2.78
N PHE C 235 -15.95 -13.03 2.53
CA PHE C 235 -17.08 -13.07 3.44
C PHE C 235 -18.37 -13.29 2.65
N ASP C 236 -19.03 -14.41 2.90
CA ASP C 236 -20.27 -14.71 2.20
C ASP C 236 -21.43 -14.85 3.18
N SER C 237 -22.35 -13.90 3.13
CA SER C 237 -23.52 -13.92 4.00
C SER C 237 -24.46 -15.07 3.65
N GLU C 238 -24.30 -15.66 2.46
CA GLU C 238 -25.12 -16.80 2.04
C GLU C 238 -24.41 -18.12 2.17
N ASN C 239 -23.26 -18.09 2.80
CA ASN C 239 -22.51 -19.31 3.08
C ASN C 239 -23.42 -20.35 3.73
N LYS C 240 -23.51 -21.52 3.11
CA LYS C 240 -24.48 -22.53 3.55
C LYS C 240 -23.87 -23.59 4.46
N GLU C 241 -22.56 -23.51 4.67
CA GLU C 241 -21.90 -24.45 5.57
C GLU C 241 -22.38 -24.24 7.01
N PRO C 242 -22.21 -25.26 7.87
CA PRO C 242 -22.60 -25.14 9.27
C PRO C 242 -21.81 -24.06 10.02
N HIS C 243 -22.50 -23.32 10.88
CA HIS C 243 -21.88 -22.37 11.80
C HIS C 243 -20.89 -23.07 12.73
N LEU C 244 -19.82 -22.36 13.06
CA LEU C 244 -18.93 -22.73 14.13
C LEU C 244 -19.06 -21.75 15.31
N VAL C 245 -19.61 -22.22 16.41
CA VAL C 245 -19.65 -21.44 17.65
C VAL C 245 -18.22 -21.40 18.16
N VAL C 246 -17.55 -20.27 17.95
CA VAL C 246 -16.12 -20.20 18.18
C VAL C 246 -15.77 -20.47 19.64
N ASP C 247 -16.53 -19.86 20.54
CA ASP C 247 -16.34 -20.09 21.96
C ASP C 247 -16.88 -21.47 22.34
N GLY C 248 -16.00 -22.48 22.32
CA GLY C 248 -16.39 -23.84 22.61
C GLY C 248 -16.34 -24.73 21.39
N LEU C 249 -16.10 -24.13 20.23
CA LEU C 249 -16.05 -24.83 18.93
C LEU C 249 -17.21 -25.80 18.76
N GLY C 250 -18.44 -25.27 18.75
CA GLY C 250 -19.63 -26.11 18.69
C GLY C 250 -20.64 -25.67 17.65
N ARG C 251 -21.91 -26.01 17.89
CA ARG C 251 -22.95 -25.82 16.87
C ARG C 251 -24.28 -25.31 17.43
N TYR C 252 -25.05 -24.65 16.59
CA TYR C 252 -26.46 -24.39 16.88
C TYR C 252 -27.34 -25.26 15.98
N VAL C 253 -28.57 -25.52 16.40
CA VAL C 253 -29.40 -26.51 15.75
C VAL C 253 -30.76 -26.01 15.35
N ILE C 254 -31.33 -26.66 14.36
CA ILE C 254 -32.72 -26.46 14.07
C ILE C 254 -33.45 -27.78 14.10
N GLY C 255 -34.56 -27.79 14.83
CA GLY C 255 -35.34 -28.99 15.14
C GLY C 255 -36.36 -29.31 14.08
N GLN C 256 -37.26 -30.23 14.37
CA GLN C 256 -38.20 -30.66 13.34
C GLN C 256 -39.00 -29.47 12.88
N ASP C 257 -39.38 -28.61 13.80
CA ASP C 257 -40.02 -27.37 13.41
C ASP C 257 -38.94 -26.50 12.84
N GLY C 258 -39.31 -25.56 11.97
CA GLY C 258 -38.28 -24.80 11.30
C GLY C 258 -37.82 -23.75 12.27
N ASN C 259 -37.36 -24.22 13.42
CA ASN C 259 -36.99 -23.33 14.48
C ASN C 259 -35.76 -23.77 15.20
N PRO C 260 -34.92 -22.81 15.59
CA PRO C 260 -33.71 -23.12 16.34
C PRO C 260 -34.04 -23.54 17.77
N ILE C 261 -33.33 -24.54 18.29
CA ILE C 261 -33.46 -24.89 19.68
C ILE C 261 -32.79 -23.91 20.60
N ARG C 262 -33.40 -23.63 21.74
CA ARG C 262 -32.88 -22.62 22.65
C ARG C 262 -32.88 -23.08 24.12
N GLU C 263 -31.94 -22.53 24.90
CA GLU C 263 -31.99 -22.69 26.34
C GLU C 263 -33.25 -21.98 26.83
N GLU C 264 -33.74 -22.35 28.01
CA GLU C 264 -35.10 -21.98 28.37
C GLU C 264 -35.28 -20.48 28.56
N SER C 265 -36.41 -20.00 28.04
CA SER C 265 -36.75 -18.59 27.88
C SER C 265 -36.67 -17.77 29.17
N SER C 273 -35.75 -14.16 22.11
CA SER C 273 -34.93 -13.68 23.21
C SER C 273 -34.17 -14.83 23.89
N GLY C 274 -34.69 -16.05 23.73
CA GLY C 274 -34.03 -17.22 24.28
C GLY C 274 -32.62 -17.42 23.74
N GLU C 275 -31.71 -17.82 24.63
CA GLU C 275 -30.34 -18.16 24.25
C GLU C 275 -30.33 -19.43 23.41
N LEU C 276 -29.40 -19.54 22.47
CA LEU C 276 -29.21 -20.78 21.72
C LEU C 276 -28.42 -21.81 22.50
N LYS C 277 -28.92 -23.05 22.55
CA LYS C 277 -28.21 -24.08 23.29
C LYS C 277 -26.90 -24.39 22.57
N PHE C 278 -25.80 -24.40 23.31
CA PHE C 278 -24.52 -24.82 22.76
C PHE C 278 -24.59 -26.31 22.47
N PHE C 279 -24.28 -26.74 21.26
CA PHE C 279 -24.25 -28.16 21.02
C PHE C 279 -22.86 -28.61 20.72
N SER C 280 -22.36 -29.59 21.45
CA SER C 280 -21.01 -30.06 21.22
C SER C 280 -20.82 -30.82 19.92
N GLN C 281 -19.60 -30.82 19.44
CA GLN C 281 -19.30 -31.45 18.17
C GLN C 281 -19.58 -32.93 18.21
N LYS C 282 -19.23 -33.54 19.33
CA LYS C 282 -19.29 -34.97 19.50
C LYS C 282 -20.64 -35.52 19.92
N LYS C 283 -21.57 -34.65 20.27
CA LYS C 283 -22.86 -35.12 20.69
C LYS C 283 -23.56 -35.61 19.46
N LYS C 284 -24.52 -36.51 19.62
CA LYS C 284 -25.26 -37.02 18.49
C LYS C 284 -26.64 -36.43 18.51
N LEU C 285 -27.09 -35.93 17.37
CA LEU C 285 -28.42 -35.38 17.26
C LEU C 285 -29.43 -36.52 17.24
N GLU C 286 -30.70 -36.19 17.38
CA GLU C 286 -31.73 -37.19 17.26
C GLU C 286 -32.60 -36.90 16.06
N GLU C 287 -32.78 -37.92 15.24
CA GLU C 287 -33.78 -37.88 14.19
C GLU C 287 -33.58 -36.63 13.35
N ASN C 288 -34.63 -35.85 13.13
CA ASN C 288 -34.52 -34.76 12.22
C ASN C 288 -33.93 -33.50 12.83
N GLN C 289 -32.67 -33.58 13.22
CA GLN C 289 -31.97 -32.42 13.79
C GLN C 289 -30.75 -32.03 12.93
N ARG C 290 -30.75 -30.80 12.39
CA ARG C 290 -29.64 -30.33 11.57
C ARG C 290 -29.04 -29.02 12.08
N TYR C 291 -27.74 -28.88 11.89
CA TYR C 291 -26.97 -27.72 12.35
C TYR C 291 -27.39 -26.45 11.68
N MET C 292 -27.26 -25.34 12.37
CA MET C 292 -27.52 -24.04 11.79
C MET C 292 -26.46 -23.70 10.75
N ARG C 293 -26.88 -23.16 9.62
CA ARG C 293 -25.93 -22.76 8.60
C ARG C 293 -25.44 -21.34 8.88
N VAL C 294 -24.32 -20.97 8.27
CA VAL C 294 -23.77 -19.64 8.45
C VAL C 294 -24.77 -18.56 8.03
N ASP C 295 -25.42 -18.76 6.89
CA ASP C 295 -26.34 -17.75 6.37
C ASP C 295 -27.51 -17.54 7.31
N GLU C 296 -27.94 -18.62 7.97
CA GLU C 296 -29.03 -18.57 8.93
C GLU C 296 -28.67 -17.77 10.19
N TYR C 297 -27.43 -17.92 10.64
CA TYR C 297 -26.92 -17.20 11.79
C TYR C 297 -26.95 -15.70 11.54
N LEU C 298 -26.44 -15.31 10.38
CA LEU C 298 -26.22 -13.90 10.06
C LEU C 298 -27.54 -13.15 9.89
N LYS C 299 -28.61 -13.88 9.61
CA LYS C 299 -29.90 -13.22 9.48
C LYS C 299 -30.68 -13.22 10.80
N LEU C 300 -30.11 -13.79 11.85
CA LEU C 300 -30.70 -13.66 13.19
C LEU C 300 -30.70 -12.21 13.60
N ASP C 301 -31.83 -11.70 14.08
CA ASP C 301 -31.93 -10.28 14.36
C ASP C 301 -31.15 -9.90 15.62
N GLU C 302 -30.67 -10.89 16.36
CA GLU C 302 -29.77 -10.62 17.49
C GLU C 302 -28.35 -10.46 16.97
N VAL C 303 -28.01 -11.25 15.96
CA VAL C 303 -26.72 -11.13 15.28
C VAL C 303 -26.72 -9.88 14.41
N GLN C 304 -27.82 -9.67 13.71
CA GLN C 304 -27.92 -8.62 12.68
C GLN C 304 -27.67 -7.21 13.20
N LYS C 305 -28.04 -6.94 14.45
CA LYS C 305 -27.95 -5.58 14.97
C LYS C 305 -26.65 -5.31 15.75
N ARG C 306 -26.04 -6.36 16.28
CA ARG C 306 -24.73 -6.23 16.92
C ARG C 306 -23.58 -6.38 15.92
N PHE C 307 -23.85 -7.02 14.78
CA PHE C 307 -22.81 -7.21 13.76
C PHE C 307 -23.22 -6.62 12.41
N PRO C 308 -22.76 -5.39 12.13
CA PRO C 308 -23.12 -4.55 10.98
C PRO C 308 -22.68 -5.12 9.63
N GLY C 309 -21.77 -6.10 9.63
CA GLY C 309 -21.38 -6.74 8.39
C GLY C 309 -22.23 -7.96 8.04
N ALA C 310 -23.33 -8.17 8.77
CA ALA C 310 -24.11 -9.41 8.66
C ALA C 310 -24.54 -9.75 7.24
N GLY C 311 -25.01 -8.77 6.51
CA GLY C 311 -25.53 -9.05 5.18
C GLY C 311 -24.60 -8.81 4.03
N LYS C 312 -23.35 -8.49 4.32
CA LYS C 312 -22.39 -8.17 3.27
C LYS C 312 -21.85 -9.35 2.48
N LYS C 313 -21.47 -9.09 1.24
CA LYS C 313 -20.68 -10.02 0.47
C LYS C 313 -19.40 -9.35 0.03
N LEU C 314 -18.28 -9.92 0.41
CA LEU C 314 -16.99 -9.42 -0.05
C LEU C 314 -16.14 -10.58 -0.47
N ASP C 315 -15.62 -10.54 -1.69
CA ASP C 315 -14.75 -11.62 -2.15
C ASP C 315 -13.37 -11.52 -1.55
N GLY C 316 -12.73 -12.65 -1.31
CA GLY C 316 -11.41 -12.60 -0.73
C GLY C 316 -10.39 -12.53 -1.84
N GLY C 317 -9.14 -12.80 -1.50
CA GLY C 317 -8.07 -12.78 -2.48
C GLY C 317 -7.99 -11.44 -3.16
N LEU C 318 -7.56 -11.47 -4.42
CA LEU C 318 -7.38 -10.27 -5.21
C LEU C 318 -8.14 -10.39 -6.54
N PRO C 319 -8.80 -9.30 -6.96
CA PRO C 319 -9.65 -9.29 -8.15
C PRO C 319 -8.90 -9.65 -9.44
N GLY C 320 -9.54 -10.45 -10.26
CA GLY C 320 -8.95 -10.87 -11.52
C GLY C 320 -7.97 -12.01 -11.37
N LEU C 321 -7.65 -12.39 -10.14
CA LEU C 321 -6.81 -13.56 -9.91
C LEU C 321 -7.68 -14.77 -9.55
N LYS C 322 -7.43 -15.91 -10.17
CA LYS C 322 -8.10 -17.14 -9.76
C LYS C 322 -7.35 -17.72 -8.56
N GLU C 323 -7.93 -18.72 -7.90
CA GLU C 323 -7.44 -19.20 -6.62
C GLU C 323 -5.95 -19.59 -6.64
N TYR C 324 -5.54 -20.38 -7.62
CA TYR C 324 -4.14 -20.83 -7.62
C TYR C 324 -3.20 -19.66 -7.97
N GLN C 325 -3.65 -18.75 -8.83
CA GLN C 325 -2.87 -17.54 -9.12
C GLN C 325 -2.61 -16.72 -7.86
N TYR C 326 -3.63 -16.61 -7.01
CA TYR C 326 -3.50 -15.85 -5.76
C TYR C 326 -2.50 -16.50 -4.82
N LEU C 327 -2.55 -17.82 -4.72
CA LEU C 327 -1.61 -18.55 -3.88
C LEU C 327 -0.20 -18.30 -4.37
N GLN C 328 -0.04 -18.21 -5.69
CA GLN C 328 1.25 -17.95 -6.29
C GLN C 328 1.78 -16.54 -5.96
N ARG C 329 0.92 -15.53 -5.97
CA ARG C 329 1.35 -14.19 -5.52
C ARG C 329 1.81 -14.24 -4.06
N LEU C 330 1.05 -14.94 -3.20
CA LEU C 330 1.43 -15.09 -1.80
C LEU C 330 2.75 -15.85 -1.62
N ASN C 331 3.13 -16.62 -2.64
CA ASN C 331 4.33 -17.45 -2.58
C ASN C 331 5.58 -16.68 -3.01
N SER C 332 5.38 -15.40 -3.31
CA SER C 332 6.44 -14.50 -3.80
C SER C 332 7.59 -14.33 -2.82
N ILE C 333 8.77 -14.06 -3.36
CA ILE C 333 9.93 -13.70 -2.55
C ILE C 333 9.63 -12.43 -1.74
N ASN C 334 8.63 -11.65 -2.16
CA ASN C 334 8.24 -10.46 -1.42
C ASN C 334 7.53 -10.79 -0.10
N ARG C 335 6.90 -11.95 -0.05
CA ARG C 335 6.42 -12.46 1.24
C ARG C 335 7.61 -12.74 2.16
N ALA C 336 8.65 -13.40 1.64
CA ALA C 336 9.84 -13.70 2.42
C ALA C 336 10.54 -12.43 2.91
N ARG C 337 10.52 -11.37 2.10
CA ARG C 337 11.10 -10.11 2.52
C ARG C 337 10.32 -9.51 3.70
N CYS C 338 9.00 -9.66 3.70
CA CYS C 338 8.22 -9.19 4.84
C CYS C 338 8.60 -9.93 6.12
N GLU C 339 8.95 -11.20 5.97
CA GLU C 339 9.19 -12.10 7.08
C GLU C 339 10.61 -12.04 7.64
N ASN C 340 11.52 -11.36 6.94
CA ASN C 340 12.94 -11.35 7.28
C ASN C 340 13.58 -9.97 7.35
N ASP C 341 12.80 -8.94 7.11
CA ASP C 341 13.32 -7.59 7.04
C ASP C 341 12.39 -6.65 7.78
N VAL C 342 12.75 -6.35 9.02
CA VAL C 342 11.99 -5.47 9.88
C VAL C 342 11.62 -4.14 9.21
N ASP C 343 12.61 -3.43 8.68
CA ASP C 343 12.36 -2.14 8.02
C ASP C 343 11.35 -2.26 6.84
N PHE C 344 11.56 -3.27 6.00
CA PHE C 344 10.70 -3.48 4.82
C PHE C 344 9.24 -3.76 5.24
N CYS C 345 9.08 -4.66 6.19
CA CYS C 345 7.75 -5.02 6.65
C CYS C 345 7.04 -3.82 7.28
N LEU C 346 7.78 -3.04 8.08
CA LEU C 346 7.19 -1.88 8.72
C LEU C 346 6.82 -0.82 7.68
N GLY C 347 7.65 -0.68 6.65
CA GLY C 347 7.32 0.21 5.54
C GLY C 347 6.00 -0.18 4.87
N GLN C 348 5.86 -1.47 4.60
CA GLN C 348 4.65 -2.02 3.99
C GLN C 348 3.42 -1.69 4.83
N LEU C 349 3.54 -1.88 6.14
CA LEU C 349 2.44 -1.60 7.05
C LEU C 349 2.15 -0.11 7.12
N GLN C 350 3.20 0.71 7.18
CA GLN C 350 3.01 2.16 7.23
C GLN C 350 2.20 2.67 6.02
N THR C 351 2.55 2.17 4.83
CA THR C 351 1.86 2.52 3.60
C THR C 351 0.37 2.21 3.68
N ALA C 352 0.08 0.97 4.08
CA ALA C 352 -1.29 0.47 4.20
C ALA C 352 -2.08 1.32 5.19
N HIS C 353 -1.42 1.68 6.27
CA HIS C 353 -2.03 2.42 7.34
C HIS C 353 -2.60 3.72 6.85
N HIS C 354 -1.80 4.48 6.14
CA HIS C 354 -2.26 5.71 5.53
C HIS C 354 -3.17 5.60 4.33
N GLN C 355 -3.07 4.52 3.59
CA GLN C 355 -3.96 4.32 2.46
C GLN C 355 -5.39 4.25 2.91
N THR C 356 -5.63 3.61 4.05
CA THR C 356 -6.97 3.45 4.53
C THR C 356 -7.47 4.72 5.21
N MET D 3 -23.11 -38.79 -5.34
CA MET D 3 -22.71 -38.10 -4.12
C MET D 3 -21.82 -36.90 -4.40
N GLN D 4 -22.20 -35.73 -3.93
CA GLN D 4 -21.35 -34.57 -4.11
C GLN D 4 -21.01 -33.89 -2.78
N ILE D 5 -19.75 -33.49 -2.65
CA ILE D 5 -19.29 -32.79 -1.45
C ILE D 5 -18.92 -31.35 -1.80
N PHE D 6 -18.75 -30.53 -0.76
CA PHE D 6 -18.37 -29.14 -0.96
C PHE D 6 -17.02 -28.85 -0.29
N VAL D 7 -16.11 -28.26 -1.04
CA VAL D 7 -14.79 -27.93 -0.56
C VAL D 7 -14.66 -26.41 -0.52
N LYS D 8 -14.42 -25.85 0.66
CA LYS D 8 -14.35 -24.39 0.82
C LYS D 8 -12.94 -23.89 1.13
N THR D 9 -12.60 -22.74 0.55
CA THR D 9 -11.31 -22.10 0.81
C THR D 9 -11.50 -20.82 1.62
N LEU D 10 -10.45 -20.43 2.34
CA LEU D 10 -10.45 -19.19 3.12
C LEU D 10 -10.96 -17.98 2.32
N THR D 11 -10.53 -17.87 1.07
CA THR D 11 -10.90 -16.74 0.23
C THR D 11 -12.39 -16.70 -0.18
N GLY D 12 -13.15 -17.70 0.25
CA GLY D 12 -14.58 -17.74 -0.02
C GLY D 12 -15.01 -18.49 -1.27
N LYS D 13 -14.11 -19.26 -1.86
CA LYS D 13 -14.44 -20.08 -3.01
C LYS D 13 -15.08 -21.41 -2.62
N THR D 14 -16.13 -21.82 -3.32
CA THR D 14 -16.72 -23.14 -3.08
C THR D 14 -16.48 -24.07 -4.28
N ILE D 15 -15.80 -25.18 -4.01
CA ILE D 15 -15.54 -26.18 -5.04
C ILE D 15 -16.47 -27.37 -4.82
N THR D 16 -17.35 -27.59 -5.78
CA THR D 16 -18.29 -28.71 -5.73
C THR D 16 -17.70 -29.89 -6.48
N LEU D 17 -17.52 -31.01 -5.78
CA LEU D 17 -16.91 -32.20 -6.36
C LEU D 17 -17.88 -33.37 -6.41
N GLU D 18 -17.93 -34.04 -7.56
CA GLU D 18 -18.66 -35.29 -7.68
C GLU D 18 -17.75 -36.43 -7.24
N VAL D 19 -18.22 -37.23 -6.30
CA VAL D 19 -17.35 -38.19 -5.65
C VAL D 19 -18.14 -39.39 -5.16
N GLU D 20 -17.45 -40.45 -4.74
CA GLU D 20 -18.13 -41.58 -4.11
C GLU D 20 -17.34 -42.00 -2.86
N PRO D 21 -18.00 -42.68 -1.90
CA PRO D 21 -17.38 -43.02 -0.61
C PRO D 21 -16.04 -43.75 -0.70
N SER D 22 -15.85 -44.52 -1.77
CA SER D 22 -14.61 -45.29 -1.93
C SER D 22 -13.41 -44.44 -2.37
N ASP D 23 -13.65 -43.22 -2.85
CA ASP D 23 -12.55 -42.34 -3.27
C ASP D 23 -11.60 -42.00 -2.15
N THR D 24 -10.31 -42.15 -2.42
CA THR D 24 -9.28 -41.83 -1.44
C THR D 24 -9.05 -40.34 -1.36
N ILE D 25 -8.34 -39.90 -0.33
CA ILE D 25 -8.06 -38.47 -0.15
C ILE D 25 -7.17 -37.97 -1.28
N GLU D 26 -6.26 -38.82 -1.73
CA GLU D 26 -5.41 -38.53 -2.89
C GLU D 26 -6.24 -38.16 -4.10
N ASN D 27 -7.26 -38.97 -4.35
CA ASN D 27 -8.07 -38.78 -5.54
C ASN D 27 -9.00 -37.58 -5.43
N VAL D 28 -9.39 -37.22 -4.20
CA VAL D 28 -10.12 -35.99 -3.96
C VAL D 28 -9.23 -34.78 -4.32
N LYS D 29 -7.98 -34.79 -3.85
CA LYS D 29 -7.02 -33.74 -4.19
C LYS D 29 -6.74 -33.70 -5.69
N ALA D 30 -6.76 -34.88 -6.33
CA ALA D 30 -6.64 -34.98 -7.78
C ALA D 30 -7.77 -34.25 -8.50
N LYS D 31 -8.99 -34.40 -7.99
CA LYS D 31 -10.14 -33.74 -8.60
C LYS D 31 -10.03 -32.24 -8.42
N ILE D 32 -9.42 -31.85 -7.31
CA ILE D 32 -9.25 -30.44 -7.01
C ILE D 32 -8.20 -29.84 -7.96
N GLN D 33 -7.09 -30.55 -8.15
CA GLN D 33 -6.07 -30.11 -9.10
C GLN D 33 -6.65 -29.96 -10.50
N ASP D 34 -7.50 -30.90 -10.91
CA ASP D 34 -8.13 -30.85 -12.24
C ASP D 34 -9.01 -29.60 -12.41
N LYS D 35 -9.63 -29.16 -11.32
CA LYS D 35 -10.61 -28.07 -11.39
C LYS D 35 -9.96 -26.69 -11.18
N GLU D 36 -8.92 -26.63 -10.36
CA GLU D 36 -8.40 -25.36 -9.89
C GLU D 36 -6.93 -25.16 -10.22
N GLY D 37 -6.24 -26.25 -10.54
CA GLY D 37 -4.85 -26.20 -10.96
C GLY D 37 -3.91 -26.40 -9.79
N ILE D 38 -4.47 -26.39 -8.59
CA ILE D 38 -3.70 -26.48 -7.36
C ILE D 38 -3.11 -27.87 -7.17
N PRO D 39 -1.78 -27.94 -7.09
CA PRO D 39 -1.18 -29.28 -6.95
C PRO D 39 -1.38 -29.88 -5.55
N PRO D 40 -1.55 -31.21 -5.48
CA PRO D 40 -1.80 -31.91 -4.21
C PRO D 40 -0.74 -31.61 -3.17
N ASP D 41 0.47 -31.29 -3.63
CA ASP D 41 1.57 -30.83 -2.78
C ASP D 41 1.11 -29.73 -1.86
N GLN D 42 0.21 -28.89 -2.36
CA GLN D 42 -0.14 -27.67 -1.67
C GLN D 42 -1.57 -27.73 -1.12
N GLN D 43 -2.14 -28.93 -1.11
CA GLN D 43 -3.48 -29.10 -0.63
C GLN D 43 -3.53 -29.75 0.74
N ARG D 44 -4.31 -29.17 1.62
CA ARG D 44 -4.54 -29.74 2.94
C ARG D 44 -6.03 -29.73 3.15
N LEU D 45 -6.60 -30.92 3.27
CA LEU D 45 -8.04 -31.08 3.42
C LEU D 45 -8.46 -31.31 4.87
N ILE D 46 -9.44 -30.54 5.33
CA ILE D 46 -9.95 -30.67 6.68
C ILE D 46 -11.41 -31.08 6.70
N PHE D 47 -11.75 -32.02 7.58
CA PHE D 47 -13.15 -32.34 7.83
C PHE D 47 -13.36 -32.57 9.31
N ALA D 48 -14.36 -31.88 9.87
CA ALA D 48 -14.67 -31.93 11.30
C ALA D 48 -13.44 -31.64 12.15
N GLY D 49 -12.68 -30.63 11.77
CA GLY D 49 -11.55 -30.18 12.56
C GLY D 49 -10.32 -31.04 12.49
N LYS D 50 -10.39 -32.14 11.74
CA LYS D 50 -9.23 -33.02 11.63
C LYS D 50 -8.67 -33.05 10.21
N GLN D 51 -7.37 -33.29 10.12
CA GLN D 51 -6.65 -33.11 8.87
C GLN D 51 -6.73 -34.37 7.99
N LEU D 52 -7.14 -34.30 6.74
CA LEU D 52 -7.34 -35.58 6.06
C LEU D 52 -6.07 -36.21 5.57
N GLU D 53 -6.05 -37.52 5.40
CA GLU D 53 -4.84 -38.15 4.91
C GLU D 53 -4.95 -39.09 3.73
N ASP D 54 -3.89 -39.10 2.94
CA ASP D 54 -3.81 -39.85 1.71
C ASP D 54 -3.81 -41.32 2.01
N GLY D 55 -4.46 -42.09 1.17
CA GLY D 55 -4.56 -43.51 1.40
C GLY D 55 -5.73 -43.89 2.27
N ARG D 56 -6.62 -42.96 2.56
CA ARG D 56 -7.85 -43.28 3.26
C ARG D 56 -9.01 -42.75 2.48
N THR D 57 -10.13 -43.44 2.53
CA THR D 57 -11.32 -43.03 1.80
C THR D 57 -12.15 -42.01 2.52
N LEU D 58 -13.07 -41.41 1.79
CA LEU D 58 -14.02 -40.50 2.35
C LEU D 58 -14.88 -41.21 3.37
N SER D 59 -15.24 -42.45 3.06
CA SER D 59 -16.09 -43.22 3.93
C SER D 59 -15.38 -43.45 5.26
N ASP D 60 -14.07 -43.56 5.22
CA ASP D 60 -13.33 -43.79 6.43
C ASP D 60 -13.61 -42.65 7.40
N TYR D 61 -13.91 -41.47 6.89
CA TYR D 61 -14.06 -40.33 7.74
C TYR D 61 -15.52 -40.02 7.96
N ASN D 62 -16.37 -40.91 7.50
CA ASN D 62 -17.79 -40.67 7.64
C ASN D 62 -18.16 -39.36 7.01
N ILE D 63 -17.54 -39.10 5.86
CA ILE D 63 -17.89 -37.97 4.98
C ILE D 63 -19.04 -38.41 4.08
N GLN D 64 -20.15 -37.67 4.15
CA GLN D 64 -21.38 -38.08 3.51
C GLN D 64 -21.77 -37.13 2.39
N LYS D 65 -22.95 -37.37 1.80
CA LYS D 65 -23.53 -36.50 0.79
C LYS D 65 -23.74 -35.09 1.34
N GLU D 66 -23.50 -34.07 0.51
CA GLU D 66 -23.66 -32.66 0.88
C GLU D 66 -22.74 -32.21 2.03
N SER D 67 -21.70 -32.99 2.33
CA SER D 67 -20.71 -32.60 3.33
C SER D 67 -19.84 -31.44 2.88
N THR D 68 -19.44 -30.61 3.85
CA THR D 68 -18.50 -29.54 3.56
C THR D 68 -17.11 -29.86 4.11
N LEU D 69 -16.09 -29.69 3.26
CA LEU D 69 -14.70 -29.81 3.67
C LEU D 69 -14.04 -28.43 3.60
N HIS D 70 -12.97 -28.24 4.35
CA HIS D 70 -12.14 -27.05 4.21
C HIS D 70 -10.87 -27.41 3.48
N LEU D 71 -10.53 -26.63 2.45
CA LEU D 71 -9.25 -26.72 1.77
C LEU D 71 -8.30 -25.64 2.28
N VAL D 72 -7.26 -26.05 3.01
CA VAL D 72 -6.20 -25.15 3.48
C VAL D 72 -5.00 -25.21 2.52
N LEU D 73 -4.53 -24.06 2.06
CA LEU D 73 -3.48 -24.03 1.03
C LEU D 73 -2.09 -23.85 1.63
N ARG D 74 -1.11 -24.54 1.05
CA ARG D 74 0.27 -24.43 1.54
C ARG D 74 1.20 -23.83 0.48
N LEU D 75 2.24 -23.17 0.96
CA LEU D 75 3.25 -22.54 0.12
C LEU D 75 4.31 -23.56 -0.28
N ARG D 76 4.88 -23.39 -1.48
CA ARG D 76 5.85 -24.35 -2.01
C ARG D 76 7.18 -24.28 -1.26
#